data_8CTM
#
_entry.id   8CTM
#
_cell.length_a   80.221
_cell.length_b   79.111
_cell.length_c   107.621
_cell.angle_alpha   90.00
_cell.angle_beta   90.77
_cell.angle_gamma   90.00
#
_symmetry.space_group_name_H-M   'P 1 21 1'
#
loop_
_entity.id
_entity.type
_entity.pdbx_description
1 polymer 'Inosine-uridine preferring nucleoside hydrolase'
2 non-polymer GLYCEROL
3 non-polymer '2-(N-MORPHOLINO)-ETHANESULFONIC ACID'
4 non-polymer 'CALCIUM ION'
5 non-polymer DI(HYDROXYETHYL)ETHER
6 non-polymer 'CHLORIDE ION'
7 water water
#
_entity_poly.entity_id   1
_entity_poly.type   'polypeptide(L)'
_entity_poly.pdbx_seq_one_letter_code
;MPRKIILDCDPGIDDAVAIFLAHGNPEVELLAITTVVGNQTLEKVTRNARLVADVAGIVGVPVAAGCTKPLVRGVRNASQ
IHGETGMGNVSYPPEFKTKLDGRHAVQLIIDLIMSHEPKTITLVPTGGLTNIAMAVRLEPRIVDRVKEVVLMGGGYHTGN
ASPVAEFNVFVDPEAAHIVFNESWNVTMVGLDLTHQALATPAVQKRVKEVGTKPAAFMLQILDFYTKVYEKERNTYATVH
DPCAVAYVIDPTVMTTEQVPVDIELNGALTTGMTVADFRYPRPKHCHTQVAVKLDFDKFWCLVIDALKRIGDPQ
;
_entity_poly.pdbx_strand_id   A,B,C,D
#
loop_
_chem_comp.id
_chem_comp.type
_chem_comp.name
_chem_comp.formula
CA non-polymer 'CALCIUM ION' 'Ca 2'
CL non-polymer 'CHLORIDE ION' 'Cl -1'
GOL non-polymer GLYCEROL 'C3 H8 O3'
MES non-polymer '2-(N-MORPHOLINO)-ETHANESULFONIC ACID' 'C6 H13 N O4 S'
PEG non-polymer DI(HYDROXYETHYL)ETHER 'C4 H10 O3'
#
# COMPACT_ATOMS: atom_id res chain seq x y z
N PRO A 2 -27.44 33.98 -14.37
CA PRO A 2 -27.28 32.52 -14.29
C PRO A 2 -25.87 32.13 -13.84
N ARG A 3 -25.77 30.92 -13.30
CA ARG A 3 -24.48 30.34 -12.94
C ARG A 3 -23.81 29.76 -14.19
N LYS A 4 -22.67 30.32 -14.58
CA LYS A 4 -21.87 29.72 -15.67
C LYS A 4 -21.19 28.45 -15.19
N ILE A 5 -21.29 27.36 -15.98
CA ILE A 5 -20.65 26.11 -15.61
C ILE A 5 -19.90 25.52 -16.78
N ILE A 6 -18.92 24.68 -16.48
CA ILE A 6 -18.29 23.81 -17.43
C ILE A 6 -18.63 22.42 -16.95
N LEU A 7 -19.27 21.65 -17.81
CA LEU A 7 -19.74 20.30 -17.48
C LEU A 7 -18.73 19.34 -18.08
N ASP A 8 -17.99 18.66 -17.21
CA ASP A 8 -16.95 17.73 -17.63
C ASP A 8 -17.48 16.33 -17.34
N CYS A 9 -17.61 15.49 -18.37
CA CYS A 9 -18.50 14.36 -18.18
C CYS A 9 -18.06 13.21 -19.06
N ASP A 10 -18.80 12.11 -18.96
CA ASP A 10 -18.49 10.89 -19.72
C ASP A 10 -19.79 10.16 -20.06
N PRO A 11 -20.63 10.75 -20.90
CA PRO A 11 -21.97 10.21 -21.08
C PRO A 11 -21.95 8.81 -21.70
N GLY A 12 -22.69 7.85 -21.10
CA GLY A 12 -23.33 7.93 -19.77
C GLY A 12 -24.76 8.45 -19.71
N ILE A 13 -25.73 7.66 -19.31
CA ILE A 13 -27.10 8.19 -19.25
C ILE A 13 -27.18 9.27 -18.17
N ASP A 14 -26.47 9.09 -17.07
CA ASP A 14 -26.51 10.09 -16.00
C ASP A 14 -26.03 11.44 -16.54
N ASP A 15 -24.92 11.40 -17.27
CA ASP A 15 -24.36 12.64 -17.79
C ASP A 15 -25.31 13.27 -18.79
N ALA A 16 -26.00 12.42 -19.58
CA ALA A 16 -26.96 12.93 -20.55
C ALA A 16 -28.06 13.71 -19.85
N VAL A 17 -28.58 13.16 -18.73
CA VAL A 17 -29.63 13.87 -18.00
C VAL A 17 -29.08 15.16 -17.39
N ALA A 18 -27.81 15.14 -16.96
CA ALA A 18 -27.22 16.37 -16.42
C ALA A 18 -27.08 17.43 -17.51
N ILE A 19 -26.70 17.02 -18.71
CA ILE A 19 -26.59 17.94 -19.84
C ILE A 19 -27.96 18.55 -20.18
N PHE A 20 -29.01 17.72 -20.21
CA PHE A 20 -30.38 18.21 -20.46
C PHE A 20 -30.80 19.21 -19.38
N LEU A 21 -30.49 18.88 -18.12
CA LEU A 21 -30.87 19.78 -17.03
C LEU A 21 -30.15 21.12 -17.12
N ALA A 22 -28.84 21.08 -17.38
CA ALA A 22 -28.07 22.31 -17.52
C ALA A 22 -28.58 23.12 -18.72
N HIS A 23 -28.89 22.45 -19.82
CA HIS A 23 -29.27 23.19 -21.02
C HIS A 23 -30.69 23.74 -20.91
N GLY A 24 -31.60 22.97 -20.31
CA GLY A 24 -32.99 23.41 -20.21
C GLY A 24 -33.25 24.38 -19.08
N ASN A 25 -32.47 24.33 -18.05
CA ASN A 25 -32.85 25.08 -16.86
C ASN A 25 -32.47 26.53 -17.04
N PRO A 26 -33.31 27.49 -16.65
CA PRO A 26 -32.98 28.90 -16.94
C PRO A 26 -31.83 29.45 -16.14
N GLU A 27 -31.45 28.85 -15.01
CA GLU A 27 -30.46 29.41 -14.10
C GLU A 27 -29.03 28.94 -14.37
N VAL A 28 -28.80 28.13 -15.39
CA VAL A 28 -27.47 27.60 -15.68
C VAL A 28 -27.08 28.09 -17.07
N GLU A 29 -25.81 28.42 -17.26
CA GLU A 29 -25.29 28.70 -18.59
C GLU A 29 -24.13 27.77 -18.83
N LEU A 30 -24.31 26.83 -19.73
CA LEU A 30 -23.28 25.85 -20.11
C LEU A 30 -22.25 26.56 -20.97
N LEU A 31 -21.01 26.66 -20.50
CA LEU A 31 -19.94 27.26 -21.29
C LEU A 31 -19.22 26.22 -22.15
N ALA A 32 -19.26 24.97 -21.77
CA ALA A 32 -18.59 23.93 -22.53
C ALA A 32 -19.07 22.59 -22.00
N ILE A 33 -19.01 21.59 -22.85
CA ILE A 33 -19.18 20.20 -22.43
C ILE A 33 -17.86 19.53 -22.75
N THR A 34 -17.16 19.06 -21.74
CA THR A 34 -15.86 18.44 -21.97
C THR A 34 -15.96 16.97 -21.58
N THR A 35 -15.28 16.09 -22.31
CA THR A 35 -15.42 14.66 -22.06
C THR A 35 -14.11 14.06 -21.56
N VAL A 36 -14.24 12.98 -20.82
CA VAL A 36 -13.10 12.33 -20.18
C VAL A 36 -13.28 10.82 -20.24
N VAL A 37 -12.15 10.10 -20.34
CA VAL A 37 -12.18 8.65 -20.25
C VAL A 37 -12.74 8.20 -18.91
N GLY A 38 -13.36 7.00 -18.92
CA GLY A 38 -13.73 6.31 -17.67
C GLY A 38 -13.73 4.82 -17.91
N ASN A 39 -14.72 4.11 -17.34
CA ASN A 39 -14.95 2.72 -17.74
C ASN A 39 -15.42 2.57 -19.19
N GLN A 40 -15.93 3.63 -19.80
CA GLN A 40 -16.08 3.70 -21.25
C GLN A 40 -14.94 4.53 -21.86
N THR A 41 -14.64 4.27 -23.12
CA THR A 41 -13.50 4.99 -23.70
C THR A 41 -13.84 6.44 -23.92
N LEU A 42 -12.79 7.25 -24.01
CA LEU A 42 -12.98 8.65 -24.35
CA LEU A 42 -12.99 8.66 -24.35
C LEU A 42 -13.72 8.81 -25.69
N GLU A 43 -13.38 7.98 -26.67
CA GLU A 43 -13.98 8.18 -27.97
C GLU A 43 -15.47 7.85 -27.92
N LYS A 44 -15.84 6.81 -27.17
CA LYS A 44 -17.24 6.42 -27.11
C LYS A 44 -18.05 7.51 -26.43
N VAL A 45 -17.57 8.00 -25.29
CA VAL A 45 -18.39 8.99 -24.59
C VAL A 45 -18.39 10.32 -25.31
N THR A 46 -17.40 10.58 -26.17
CA THR A 46 -17.43 11.81 -26.95
C THR A 46 -18.47 11.69 -28.08
N ARG A 47 -18.55 10.51 -28.71
CA ARG A 47 -19.66 10.27 -29.64
C ARG A 47 -21.00 10.44 -28.93
N ASN A 48 -21.13 9.83 -27.74
CA ASN A 48 -22.39 9.97 -26.99
C ASN A 48 -22.70 11.44 -26.69
N ALA A 49 -21.69 12.20 -26.27
CA ALA A 49 -21.91 13.60 -25.95
C ALA A 49 -22.43 14.37 -27.15
N ARG A 50 -21.89 14.09 -28.33
CA ARG A 50 -22.38 14.76 -29.54
C ARG A 50 -23.80 14.30 -29.88
N LEU A 51 -24.15 13.03 -29.64
CA LEU A 51 -25.54 12.60 -29.82
C LEU A 51 -26.48 13.35 -28.86
N VAL A 52 -26.07 13.48 -27.60
CA VAL A 52 -26.91 14.18 -26.62
C VAL A 52 -27.07 15.62 -27.03
N ALA A 53 -25.98 16.26 -27.48
CA ALA A 53 -26.07 17.66 -27.88
C ALA A 53 -26.99 17.82 -29.09
N ASP A 54 -26.95 16.85 -30.02
CA ASP A 54 -27.84 16.89 -31.18
C ASP A 54 -29.30 16.80 -30.74
N VAL A 55 -29.59 15.85 -29.87
CA VAL A 55 -30.97 15.58 -29.46
C VAL A 55 -31.55 16.77 -28.72
N ALA A 56 -30.74 17.44 -27.89
CA ALA A 56 -31.20 18.63 -27.18
C ALA A 56 -31.06 19.93 -27.99
N GLY A 57 -30.53 19.88 -29.21
CA GLY A 57 -30.40 21.14 -29.96
C GLY A 57 -29.41 22.10 -29.35
N ILE A 58 -28.33 21.59 -28.77
CA ILE A 58 -27.39 22.45 -28.08
C ILE A 58 -26.45 23.09 -29.09
N VAL A 59 -26.60 24.39 -29.30
CA VAL A 59 -25.75 25.14 -30.21
C VAL A 59 -24.97 26.19 -29.42
N GLY A 60 -23.82 26.58 -29.94
CA GLY A 60 -23.06 27.64 -29.31
C GLY A 60 -22.29 27.21 -28.09
N VAL A 61 -22.22 25.91 -27.84
CA VAL A 61 -21.54 25.41 -26.65
C VAL A 61 -20.47 24.48 -27.14
N PRO A 62 -19.19 24.82 -27.03
CA PRO A 62 -18.16 23.90 -27.51
C PRO A 62 -18.22 22.56 -26.77
N VAL A 63 -18.10 21.47 -27.54
CA VAL A 63 -17.96 20.10 -27.03
C VAL A 63 -16.52 19.68 -27.34
N ALA A 64 -15.71 19.40 -26.32
CA ALA A 64 -14.28 19.17 -26.51
C ALA A 64 -13.89 17.86 -25.86
N ALA A 65 -13.14 17.02 -26.60
CA ALA A 65 -12.67 15.76 -26.05
C ALA A 65 -11.45 15.98 -25.16
N GLY A 66 -11.42 15.34 -23.99
CA GLY A 66 -10.25 15.47 -23.14
C GLY A 66 -9.39 14.23 -23.02
N CYS A 67 -8.95 13.89 -21.80
CA CYS A 67 -7.91 12.89 -21.62
C CYS A 67 -8.36 11.50 -22.05
N THR A 68 -7.48 10.79 -22.78
CA THR A 68 -7.81 9.46 -23.26
C THR A 68 -7.46 8.37 -22.27
N LYS A 69 -6.63 8.71 -21.28
CA LYS A 69 -6.21 7.80 -20.24
C LYS A 69 -6.25 8.49 -18.89
N PRO A 70 -6.57 7.76 -17.83
CA PRO A 70 -6.36 8.31 -16.47
C PRO A 70 -4.90 8.68 -16.27
N LEU A 71 -4.63 9.45 -15.23
CA LEU A 71 -3.26 9.92 -14.99
C LEU A 71 -2.28 8.76 -14.86
N VAL A 72 -2.55 7.83 -13.92
CA VAL A 72 -1.61 6.76 -13.58
C VAL A 72 -2.21 5.38 -13.83
N ARG A 73 -3.46 5.17 -13.41
CA ARG A 73 -4.01 3.81 -13.47
C ARG A 73 -4.27 3.42 -14.91
N GLY A 74 -4.10 2.15 -15.23
CA GLY A 74 -4.60 1.64 -16.49
C GLY A 74 -6.13 1.61 -16.54
N VAL A 75 -6.65 1.49 -17.77
CA VAL A 75 -8.09 1.21 -18.06
C VAL A 75 -9.01 2.31 -17.59
N HIS A 82 -21.76 -3.92 -24.59
CA HIS A 82 -21.85 -4.94 -25.63
C HIS A 82 -23.29 -5.19 -26.10
N GLY A 83 -23.46 -5.29 -27.42
CA GLY A 83 -24.80 -5.31 -27.99
C GLY A 83 -25.48 -3.95 -28.00
N GLU A 84 -24.69 -2.87 -27.83
CA GLU A 84 -25.24 -1.51 -27.71
C GLU A 84 -25.13 -0.79 -29.05
N THR A 85 -26.25 -0.54 -29.68
CA THR A 85 -26.31 0.35 -30.84
C THR A 85 -26.30 1.80 -30.37
N GLY A 86 -25.46 2.61 -31.00
CA GLY A 86 -25.37 4.03 -30.66
C GLY A 86 -25.16 4.22 -29.16
N MET A 87 -26.03 5.01 -28.54
CA MET A 87 -26.06 5.12 -27.09
C MET A 87 -27.33 4.43 -26.65
N GLY A 88 -27.21 3.36 -25.86
CA GLY A 88 -28.42 2.68 -25.32
C GLY A 88 -29.45 2.31 -26.36
N ASN A 89 -28.99 1.87 -27.53
CA ASN A 89 -29.80 1.42 -28.66
C ASN A 89 -30.48 2.53 -29.40
N VAL A 90 -30.04 3.76 -29.20
CA VAL A 90 -30.42 4.88 -30.04
C VAL A 90 -29.29 5.09 -31.03
N SER A 91 -29.54 4.84 -32.32
CA SER A 91 -28.46 4.95 -33.31
C SER A 91 -27.90 6.36 -33.35
N TYR A 92 -26.60 6.47 -33.64
CA TYR A 92 -26.00 7.72 -34.03
C TYR A 92 -26.51 8.12 -35.40
N PRO A 93 -26.65 9.41 -35.66
CA PRO A 93 -26.96 9.84 -37.01
C PRO A 93 -25.79 9.54 -37.92
N PRO A 94 -26.01 9.58 -39.23
CA PRO A 94 -24.89 9.35 -40.16
C PRO A 94 -23.75 10.31 -39.92
N GLU A 95 -24.04 11.57 -39.62
CA GLU A 95 -23.03 12.54 -39.17
C GLU A 95 -23.64 13.42 -38.10
N PHE A 96 -22.88 13.71 -37.05
CA PHE A 96 -23.42 14.58 -36.02
C PHE A 96 -23.54 16.00 -36.53
N LYS A 97 -24.63 16.67 -36.13
CA LYS A 97 -24.73 18.11 -36.32
C LYS A 97 -23.73 18.84 -35.44
N THR A 98 -23.58 18.38 -34.18
CA THR A 98 -22.63 18.99 -33.26
C THR A 98 -21.21 18.65 -33.65
N LYS A 99 -20.43 19.68 -33.90
CA LYS A 99 -19.03 19.48 -34.25
C LYS A 99 -18.20 19.35 -32.97
N LEU A 100 -17.04 18.76 -33.12
CA LEU A 100 -16.09 18.67 -32.04
C LEU A 100 -15.17 19.89 -32.10
N ASP A 101 -15.03 20.57 -30.97
CA ASP A 101 -14.08 21.66 -30.86
C ASP A 101 -12.66 21.14 -31.11
N GLY A 102 -11.81 21.98 -31.71
CA GLY A 102 -10.47 21.52 -32.04
C GLY A 102 -9.57 21.40 -30.84
N ARG A 103 -9.91 22.04 -29.74
CA ARG A 103 -9.05 22.11 -28.59
C ARG A 103 -9.26 20.90 -27.70
N HIS A 104 -8.17 20.44 -27.08
CA HIS A 104 -8.28 19.51 -25.97
C HIS A 104 -9.06 20.12 -24.81
N ALA A 105 -9.89 19.30 -24.17
CA ALA A 105 -10.73 19.78 -23.06
C ALA A 105 -9.88 20.48 -21.99
N VAL A 106 -8.70 19.98 -21.73
CA VAL A 106 -7.86 20.58 -20.68
C VAL A 106 -7.55 22.03 -21.03
N GLN A 107 -7.22 22.25 -22.30
CA GLN A 107 -6.91 23.60 -22.75
C GLN A 107 -8.14 24.45 -22.81
N LEU A 108 -9.29 23.89 -23.20
CA LEU A 108 -10.51 24.68 -23.24
C LEU A 108 -10.90 25.12 -21.84
N ILE A 109 -10.77 24.24 -20.85
CA ILE A 109 -11.08 24.61 -19.47
C ILE A 109 -10.19 25.75 -19.01
N ILE A 110 -8.88 25.61 -19.23
CA ILE A 110 -7.96 26.71 -18.86
C ILE A 110 -8.36 28.00 -19.56
N ASP A 111 -8.58 27.94 -20.88
CA ASP A 111 -8.84 29.17 -21.63
C ASP A 111 -10.08 29.87 -21.11
N LEU A 112 -11.16 29.10 -20.89
CA LEU A 112 -12.39 29.73 -20.42
C LEU A 112 -12.19 30.34 -19.03
N ILE A 113 -11.55 29.60 -18.13
CA ILE A 113 -11.35 30.13 -16.78
C ILE A 113 -10.50 31.39 -16.80
N MET A 114 -9.42 31.39 -17.58
CA MET A 114 -8.54 32.54 -17.58
C MET A 114 -9.16 33.74 -18.31
N SER A 115 -10.07 33.52 -19.24
CA SER A 115 -10.56 34.65 -20.01
C SER A 115 -11.79 35.27 -19.39
N HIS A 116 -12.51 34.56 -18.53
CA HIS A 116 -13.69 35.09 -17.84
C HIS A 116 -13.28 35.73 -16.52
N GLU A 117 -14.12 36.64 -16.03
CA GLU A 117 -13.73 37.32 -14.80
C GLU A 117 -13.68 36.33 -13.65
N PRO A 118 -12.96 36.65 -12.59
CA PRO A 118 -12.69 35.65 -11.56
C PRO A 118 -13.93 35.34 -10.72
N LYS A 119 -13.96 34.11 -10.20
CA LYS A 119 -15.02 33.66 -9.29
C LYS A 119 -16.39 33.63 -9.97
N THR A 120 -16.44 33.43 -11.28
CA THR A 120 -17.72 33.34 -11.98
C THR A 120 -18.03 31.97 -12.59
N ILE A 121 -17.06 31.06 -12.71
CA ILE A 121 -17.28 29.79 -13.36
C ILE A 121 -17.26 28.68 -12.31
N THR A 122 -18.25 27.82 -12.34
CA THR A 122 -18.31 26.64 -11.49
C THR A 122 -17.94 25.45 -12.35
N LEU A 123 -16.97 24.66 -11.91
CA LEU A 123 -16.69 23.42 -12.58
C LEU A 123 -17.64 22.38 -12.04
N VAL A 124 -18.24 21.60 -12.94
CA VAL A 124 -19.19 20.54 -12.57
C VAL A 124 -18.68 19.25 -13.23
N PRO A 125 -17.76 18.54 -12.58
CA PRO A 125 -17.31 17.24 -13.12
C PRO A 125 -18.30 16.16 -12.78
N THR A 126 -18.62 15.32 -13.76
CA THR A 126 -19.45 14.15 -13.49
C THR A 126 -18.87 12.87 -14.08
N GLY A 127 -17.58 12.86 -14.36
CA GLY A 127 -16.82 11.65 -14.74
C GLY A 127 -15.56 11.60 -13.89
N GLY A 128 -14.58 10.78 -14.29
CA GLY A 128 -13.29 10.84 -13.62
C GLY A 128 -12.71 12.23 -13.68
N LEU A 129 -11.82 12.54 -12.73
CA LEU A 129 -11.39 13.93 -12.55
C LEU A 129 -10.10 14.28 -13.34
N THR A 130 -9.75 13.46 -14.34
CA THR A 130 -8.45 13.57 -15.03
C THR A 130 -8.28 14.93 -15.72
N ASN A 131 -9.30 15.41 -16.45
CA ASN A 131 -9.13 16.70 -17.11
C ASN A 131 -8.95 17.83 -16.11
N ILE A 132 -9.74 17.79 -15.02
CA ILE A 132 -9.68 18.82 -13.99
C ILE A 132 -8.29 18.87 -13.35
N ALA A 133 -7.76 17.69 -12.99
CA ALA A 133 -6.47 17.61 -12.34
C ALA A 133 -5.36 18.06 -13.29
N MET A 134 -5.43 17.64 -14.55
CA MET A 134 -4.46 18.09 -15.55
CA MET A 134 -4.45 18.10 -15.53
C MET A 134 -4.48 19.61 -15.67
N ALA A 135 -5.68 20.21 -15.76
CA ALA A 135 -5.77 21.67 -15.90
C ALA A 135 -5.17 22.38 -14.70
N VAL A 136 -5.43 21.86 -13.48
CA VAL A 136 -4.87 22.43 -12.24
C VAL A 136 -3.34 22.40 -12.26
N ARG A 137 -2.76 21.27 -12.68
CA ARG A 137 -1.29 21.22 -12.65
C ARG A 137 -0.65 22.01 -13.79
N LEU A 138 -1.33 22.09 -14.94
CA LEU A 138 -0.78 22.85 -16.08
C LEU A 138 -0.91 24.36 -15.85
N GLU A 139 -2.02 24.83 -15.27
CA GLU A 139 -2.25 26.25 -15.07
C GLU A 139 -2.76 26.42 -13.64
N PRO A 140 -1.85 26.47 -12.68
CA PRO A 140 -2.26 26.59 -11.26
C PRO A 140 -3.10 27.82 -10.96
N ARG A 141 -3.04 28.84 -11.82
CA ARG A 141 -3.85 30.03 -11.57
C ARG A 141 -5.36 29.75 -11.64
N ILE A 142 -5.78 28.63 -12.26
CA ILE A 142 -7.22 28.41 -12.37
C ILE A 142 -7.80 28.14 -11.01
N VAL A 143 -7.00 27.68 -10.03
CA VAL A 143 -7.62 27.21 -8.79
C VAL A 143 -8.32 28.35 -8.06
N ASP A 144 -7.63 29.47 -7.89
CA ASP A 144 -8.22 30.60 -7.20
C ASP A 144 -9.21 31.35 -8.06
N ARG A 145 -9.13 31.15 -9.38
CA ARG A 145 -10.00 31.89 -10.27
C ARG A 145 -11.39 31.26 -10.35
N VAL A 146 -11.47 29.94 -10.13
CA VAL A 146 -12.75 29.21 -10.21
C VAL A 146 -13.62 29.59 -9.04
N LYS A 147 -14.95 29.73 -9.27
CA LYS A 147 -15.86 30.00 -8.18
C LYS A 147 -15.84 28.87 -7.18
N GLU A 148 -16.11 27.66 -7.64
CA GLU A 148 -16.12 26.48 -6.80
C GLU A 148 -16.28 25.27 -7.71
N VAL A 149 -16.15 24.10 -7.11
CA VAL A 149 -16.26 22.81 -7.81
C VAL A 149 -17.43 22.05 -7.21
N VAL A 150 -18.34 21.58 -8.04
CA VAL A 150 -19.48 20.78 -7.58
C VAL A 150 -19.42 19.51 -8.41
N LEU A 151 -19.00 18.41 -7.80
CA LEU A 151 -18.75 17.20 -8.58
C LEU A 151 -19.71 16.11 -8.17
N MET A 152 -20.11 15.29 -9.11
CA MET A 152 -20.76 14.04 -8.75
C MET A 152 -19.71 12.96 -8.73
N GLY A 153 -19.49 12.40 -7.59
CA GLY A 153 -18.49 11.36 -7.44
C GLY A 153 -18.28 11.10 -5.96
N GLY A 154 -17.62 9.98 -5.67
CA GLY A 154 -17.33 9.67 -4.29
C GLY A 154 -18.53 9.09 -3.55
N GLY A 155 -18.31 8.85 -2.26
CA GLY A 155 -19.33 8.28 -1.39
C GLY A 155 -18.71 8.14 -0.02
N TYR A 156 -19.24 8.85 0.98
CA TYR A 156 -18.55 8.79 2.28
C TYR A 156 -18.88 7.51 3.03
N HIS A 157 -20.08 6.94 2.82
CA HIS A 157 -20.43 5.66 3.43
C HIS A 157 -20.99 4.68 2.42
N THR A 158 -20.63 4.82 1.15
CA THR A 158 -21.23 4.03 0.06
C THR A 158 -20.15 3.77 -0.97
N GLY A 159 -20.37 2.75 -1.79
CA GLY A 159 -19.49 2.48 -2.91
C GLY A 159 -20.28 1.78 -4.00
N ASN A 160 -19.73 1.81 -5.22
CA ASN A 160 -20.27 0.96 -6.28
C ASN A 160 -19.16 0.26 -7.06
N ALA A 161 -18.11 0.98 -7.45
CA ALA A 161 -16.91 0.37 -8.04
C ALA A 161 -16.26 -0.68 -7.11
N SER A 162 -16.37 -0.49 -5.82
CA SER A 162 -15.83 -1.38 -4.79
C SER A 162 -16.76 -1.20 -3.60
N PRO A 163 -16.58 -1.94 -2.50
CA PRO A 163 -17.44 -1.70 -1.33
C PRO A 163 -17.40 -0.28 -0.83
N VAL A 164 -16.30 0.45 -1.09
CA VAL A 164 -16.12 1.76 -0.48
C VAL A 164 -15.76 2.85 -1.47
N ALA A 165 -15.62 2.55 -2.75
CA ALA A 165 -15.24 3.55 -3.73
C ALA A 165 -16.33 3.69 -4.80
N GLU A 166 -16.46 4.91 -5.32
CA GLU A 166 -17.38 5.23 -6.39
C GLU A 166 -16.61 5.31 -7.72
N PHE A 167 -17.29 5.03 -8.84
CA PHE A 167 -16.61 4.90 -10.13
C PHE A 167 -15.76 6.11 -10.49
N ASN A 168 -16.33 7.32 -10.44
CA ASN A 168 -15.59 8.48 -10.93
C ASN A 168 -14.26 8.67 -10.17
N VAL A 169 -14.25 8.41 -8.86
CA VAL A 169 -12.99 8.53 -8.10
C VAL A 169 -12.11 7.29 -8.34
N PHE A 170 -12.72 6.11 -8.39
CA PHE A 170 -11.98 4.85 -8.52
C PHE A 170 -11.20 4.79 -9.84
N VAL A 171 -11.77 5.34 -10.91
CA VAL A 171 -11.09 5.21 -12.21
C VAL A 171 -9.88 6.12 -12.34
N ASP A 172 -9.78 7.14 -11.50
CA ASP A 172 -8.56 7.97 -11.43
C ASP A 172 -8.39 8.55 -10.03
N PRO A 173 -7.92 7.73 -9.10
CA PRO A 173 -7.81 8.20 -7.72
C PRO A 173 -6.81 9.33 -7.60
N GLU A 174 -5.75 9.27 -8.39
CA GLU A 174 -4.73 10.30 -8.30
C GLU A 174 -5.31 11.63 -8.69
N ALA A 175 -6.08 11.66 -9.79
CA ALA A 175 -6.70 12.93 -10.19
C ALA A 175 -7.66 13.44 -9.12
N ALA A 176 -8.43 12.52 -8.52
CA ALA A 176 -9.29 12.94 -7.40
C ALA A 176 -8.47 13.52 -6.25
N HIS A 177 -7.37 12.90 -5.90
CA HIS A 177 -6.54 13.40 -4.83
C HIS A 177 -6.09 14.82 -5.12
N ILE A 178 -5.74 15.09 -6.38
CA ILE A 178 -5.36 16.44 -6.79
C ILE A 178 -6.51 17.41 -6.56
N VAL A 179 -7.71 17.07 -7.08
CA VAL A 179 -8.87 17.97 -6.98
C VAL A 179 -9.26 18.23 -5.53
N PHE A 180 -9.25 17.18 -4.70
CA PHE A 180 -9.72 17.36 -3.33
C PHE A 180 -8.70 18.03 -2.44
N ASN A 181 -7.44 18.14 -2.86
CA ASN A 181 -6.44 18.73 -2.00
C ASN A 181 -6.01 20.13 -2.46
N GLU A 182 -6.69 20.70 -3.44
CA GLU A 182 -6.50 22.11 -3.77
C GLU A 182 -7.34 22.95 -2.83
N SER A 183 -7.06 24.25 -2.79
CA SER A 183 -7.72 25.06 -1.77
C SER A 183 -9.12 25.50 -2.15
N TRP A 184 -9.55 25.27 -3.39
CA TRP A 184 -10.88 25.71 -3.80
C TRP A 184 -11.99 24.95 -3.09
N ASN A 185 -13.15 25.60 -2.97
CA ASN A 185 -14.32 24.97 -2.37
C ASN A 185 -14.84 23.84 -3.24
N VAL A 186 -15.01 22.65 -2.63
CA VAL A 186 -15.49 21.45 -3.31
C VAL A 186 -16.74 20.93 -2.62
N THR A 187 -17.80 20.71 -3.40
CA THR A 187 -19.00 20.04 -2.94
C THR A 187 -18.99 18.66 -3.59
N MET A 188 -18.96 17.63 -2.75
CA MET A 188 -18.96 16.25 -3.21
C MET A 188 -20.39 15.76 -3.16
N VAL A 189 -21.00 15.59 -4.33
CA VAL A 189 -22.35 15.00 -4.46
C VAL A 189 -22.11 13.52 -4.71
N GLY A 190 -22.01 12.75 -3.62
CA GLY A 190 -21.63 11.36 -3.71
C GLY A 190 -22.83 10.41 -3.76
N LEU A 191 -22.50 9.11 -3.78
CA LEU A 191 -23.54 8.09 -3.84
C LEU A 191 -24.49 8.16 -2.65
N ASP A 192 -24.01 8.66 -1.49
CA ASP A 192 -24.89 8.79 -0.33
C ASP A 192 -26.10 9.62 -0.68
N LEU A 193 -25.88 10.66 -1.48
CA LEU A 193 -26.96 11.52 -1.95
C LEU A 193 -27.67 10.90 -3.14
N THR A 194 -26.90 10.49 -4.17
CA THR A 194 -27.55 10.14 -5.43
C THR A 194 -28.35 8.85 -5.37
N HIS A 195 -28.06 7.97 -4.41
CA HIS A 195 -28.93 6.80 -4.21
CA HIS A 195 -28.96 6.80 -4.30
C HIS A 195 -30.38 7.19 -3.96
N GLN A 196 -30.64 8.44 -3.55
CA GLN A 196 -32.00 8.90 -3.29
C GLN A 196 -32.72 9.39 -4.54
N ALA A 197 -32.01 9.65 -5.63
CA ALA A 197 -32.61 10.24 -6.85
C ALA A 197 -33.25 9.15 -7.70
N LEU A 198 -34.22 8.45 -7.11
CA LEU A 198 -34.79 7.27 -7.75
C LEU A 198 -35.73 7.69 -8.86
N ALA A 199 -35.62 7.01 -10.01
CA ALA A 199 -36.51 7.29 -11.12
C ALA A 199 -37.65 6.29 -10.98
N THR A 200 -38.52 6.59 -10.02
CA THR A 200 -39.68 5.74 -9.73
C THR A 200 -40.65 5.65 -10.90
N PRO A 201 -41.54 4.68 -10.88
CA PRO A 201 -42.53 4.61 -11.97
C PRO A 201 -43.32 5.90 -12.12
N ALA A 202 -43.68 6.55 -11.01
CA ALA A 202 -44.41 7.82 -11.14
C ALA A 202 -43.56 8.90 -11.82
N VAL A 203 -42.27 8.96 -11.46
CA VAL A 203 -41.39 9.94 -12.07
C VAL A 203 -41.28 9.64 -13.56
N GLN A 204 -41.10 8.36 -13.92
CA GLN A 204 -40.92 8.06 -15.33
C GLN A 204 -42.19 8.32 -16.11
N LYS A 205 -43.36 8.15 -15.48
CA LYS A 205 -44.60 8.53 -16.16
C LYS A 205 -44.66 10.04 -16.43
N ARG A 206 -44.24 10.85 -15.45
CA ARG A 206 -44.19 12.30 -15.68
C ARG A 206 -43.21 12.67 -16.79
N VAL A 207 -42.05 12.01 -16.81
CA VAL A 207 -41.11 12.22 -17.92
C VAL A 207 -41.77 11.85 -19.25
N LYS A 208 -42.37 10.67 -19.30
CA LYS A 208 -43.00 10.24 -20.54
C LYS A 208 -44.02 11.26 -21.02
N GLU A 209 -44.81 11.82 -20.09
CA GLU A 209 -45.83 12.80 -20.43
C GLU A 209 -45.30 14.14 -20.90
N VAL A 210 -44.02 14.44 -20.67
CA VAL A 210 -43.46 15.61 -21.35
C VAL A 210 -43.65 15.50 -22.86
N GLY A 211 -43.55 14.28 -23.41
CA GLY A 211 -44.00 14.05 -24.78
C GLY A 211 -43.11 14.59 -25.88
N THR A 212 -41.83 14.82 -25.59
CA THR A 212 -40.90 15.35 -26.59
C THR A 212 -39.87 14.28 -26.94
N LYS A 213 -39.12 14.49 -28.03
CA LYS A 213 -38.09 13.53 -28.41
C LYS A 213 -36.96 13.43 -27.37
N PRO A 214 -36.48 14.52 -26.78
CA PRO A 214 -35.50 14.34 -25.68
C PRO A 214 -36.05 13.52 -24.50
N ALA A 215 -37.32 13.70 -24.14
CA ALA A 215 -37.87 12.88 -23.05
C ALA A 215 -37.88 11.41 -23.44
N ALA A 216 -38.26 11.10 -24.69
CA ALA A 216 -38.31 9.72 -25.12
C ALA A 216 -36.91 9.14 -25.16
N PHE A 217 -35.96 9.95 -25.60
CA PHE A 217 -34.55 9.56 -25.63
C PHE A 217 -34.07 9.21 -24.25
N MET A 218 -34.34 10.09 -23.28
CA MET A 218 -33.92 9.84 -21.91
C MET A 218 -34.49 8.51 -21.40
N LEU A 219 -35.80 8.29 -21.61
CA LEU A 219 -36.43 7.09 -21.07
C LEU A 219 -35.89 5.84 -21.75
N GLN A 220 -35.65 5.92 -23.06
CA GLN A 220 -35.13 4.75 -23.78
C GLN A 220 -33.76 4.36 -23.26
N ILE A 221 -32.90 5.36 -23.13
CA ILE A 221 -31.52 5.04 -22.69
C ILE A 221 -31.51 4.64 -21.21
N LEU A 222 -32.31 5.29 -20.41
CA LEU A 222 -32.42 4.87 -19.03
C LEU A 222 -32.90 3.43 -18.97
N ASP A 223 -33.89 3.05 -19.78
CA ASP A 223 -34.36 1.66 -19.71
C ASP A 223 -33.26 0.68 -20.09
N PHE A 224 -32.55 0.97 -21.19
CA PHE A 224 -31.41 0.17 -21.60
C PHE A 224 -30.47 -0.06 -20.43
N TYR A 225 -30.04 1.02 -19.78
CA TYR A 225 -29.09 0.87 -18.69
C TYR A 225 -29.73 0.32 -17.40
N THR A 226 -31.01 0.52 -17.19
CA THR A 226 -31.65 -0.11 -16.03
C THR A 226 -31.54 -1.62 -16.15
N LYS A 227 -31.74 -2.15 -17.38
CA LYS A 227 -31.63 -3.59 -17.57
C LYS A 227 -30.19 -4.04 -17.49
N VAL A 228 -29.26 -3.30 -18.13
CA VAL A 228 -27.85 -3.69 -18.11
C VAL A 228 -27.35 -3.88 -16.67
N TYR A 229 -27.69 -2.91 -15.77
CA TYR A 229 -27.16 -2.89 -14.40
C TYR A 229 -28.17 -3.32 -13.34
N GLU A 230 -29.13 -4.12 -13.77
CA GLU A 230 -30.18 -4.65 -12.87
C GLU A 230 -29.56 -5.30 -11.64
N LYS A 231 -28.48 -6.07 -11.81
CA LYS A 231 -27.84 -6.85 -10.71
C LYS A 231 -27.22 -5.99 -9.60
N GLU A 232 -27.09 -4.68 -9.81
CA GLU A 232 -26.49 -3.79 -8.83
C GLU A 232 -27.51 -3.11 -7.92
N ARG A 233 -28.81 -3.35 -8.12
CA ARG A 233 -29.87 -2.63 -7.41
C ARG A 233 -30.79 -3.56 -6.62
N ASN A 234 -31.43 -2.95 -5.63
CA ASN A 234 -32.48 -3.54 -4.82
C ASN A 234 -33.78 -2.78 -4.98
N THR A 235 -33.78 -1.75 -5.81
CA THR A 235 -34.95 -0.92 -6.04
C THR A 235 -34.79 -0.34 -7.43
N TYR A 236 -35.52 0.74 -7.72
CA TYR A 236 -35.55 1.37 -9.04
C TYR A 236 -34.19 1.95 -9.46
N ALA A 237 -34.10 2.24 -10.75
CA ALA A 237 -32.97 2.96 -11.30
C ALA A 237 -32.84 4.31 -10.59
N THR A 238 -31.60 4.79 -10.42
CA THR A 238 -31.39 6.15 -9.95
C THR A 238 -30.65 6.92 -11.03
N VAL A 239 -30.68 8.25 -10.92
CA VAL A 239 -29.80 9.10 -11.72
C VAL A 239 -28.82 9.78 -10.77
N HIS A 240 -27.62 10.01 -11.26
CA HIS A 240 -26.58 10.46 -10.36
C HIS A 240 -26.19 11.89 -10.72
N ASP A 241 -25.40 12.02 -11.80
CA ASP A 241 -24.83 13.27 -12.30
C ASP A 241 -25.74 14.51 -12.31
N PRO A 242 -27.01 14.43 -12.73
CA PRO A 242 -27.85 15.64 -12.69
C PRO A 242 -27.98 16.23 -11.29
N CYS A 243 -27.76 15.43 -10.22
CA CYS A 243 -27.83 16.01 -8.88
C CYS A 243 -26.79 17.11 -8.70
N ALA A 244 -25.61 16.96 -9.32
CA ALA A 244 -24.60 18.01 -9.18
C ALA A 244 -25.08 19.29 -9.87
N VAL A 245 -25.65 19.15 -11.06
CA VAL A 245 -26.18 20.33 -11.74
C VAL A 245 -27.30 20.96 -10.92
N ALA A 246 -28.14 20.12 -10.28
CA ALA A 246 -29.27 20.63 -9.52
C ALA A 246 -28.78 21.48 -8.37
N TYR A 247 -27.67 21.05 -7.74
CA TYR A 247 -27.10 21.81 -6.64
C TYR A 247 -26.69 23.20 -7.09
N VAL A 248 -26.15 23.30 -8.30
CA VAL A 248 -25.79 24.62 -8.81
C VAL A 248 -27.03 25.47 -9.03
N ILE A 249 -28.10 24.86 -9.56
CA ILE A 249 -29.34 25.58 -9.85
C ILE A 249 -29.97 26.11 -8.58
N ASP A 250 -30.05 25.26 -7.56
CA ASP A 250 -30.73 25.60 -6.29
C ASP A 250 -30.09 24.80 -5.19
N PRO A 251 -29.20 25.39 -4.41
CA PRO A 251 -28.49 24.60 -3.40
C PRO A 251 -29.42 24.03 -2.31
N THR A 252 -30.64 24.56 -2.11
CA THR A 252 -31.57 23.96 -1.14
C THR A 252 -32.15 22.62 -1.62
N VAL A 253 -31.80 22.19 -2.83
CA VAL A 253 -32.24 20.88 -3.30
C VAL A 253 -31.60 19.77 -2.51
N MET A 254 -30.51 20.03 -1.77
CA MET A 254 -29.92 19.01 -0.93
C MET A 254 -29.26 19.66 0.27
N THR A 255 -29.14 18.90 1.35
CA THR A 255 -28.34 19.36 2.47
C THR A 255 -26.89 18.94 2.28
N THR A 256 -26.00 19.66 2.97
CA THR A 256 -24.58 19.41 2.91
C THR A 256 -24.02 19.49 4.33
N GLU A 257 -22.91 18.82 4.53
CA GLU A 257 -22.11 18.90 5.76
C GLU A 257 -20.67 19.19 5.42
N GLN A 258 -20.11 20.23 6.04
CA GLN A 258 -18.68 20.53 5.91
C GLN A 258 -17.84 19.54 6.71
N VAL A 259 -16.92 18.86 6.05
CA VAL A 259 -16.17 17.79 6.70
C VAL A 259 -14.87 17.59 5.92
N PRO A 260 -13.74 17.23 6.55
CA PRO A 260 -12.53 16.94 5.79
C PRO A 260 -12.73 15.70 4.95
N VAL A 261 -12.29 15.76 3.70
CA VAL A 261 -12.37 14.62 2.81
C VAL A 261 -11.03 14.44 2.09
N ASP A 262 -10.50 13.23 2.10
CA ASP A 262 -9.26 12.93 1.40
C ASP A 262 -9.49 11.67 0.57
N ILE A 263 -8.56 11.36 -0.33
CA ILE A 263 -8.68 10.24 -1.26
C ILE A 263 -7.63 9.19 -0.91
N GLU A 264 -8.07 7.94 -0.73
CA GLU A 264 -7.13 6.83 -0.52
C GLU A 264 -6.50 6.40 -1.83
N LEU A 265 -5.16 6.28 -1.84
CA LEU A 265 -4.43 5.94 -3.06
C LEU A 265 -3.73 4.60 -3.01
N ASN A 266 -3.45 4.08 -1.81
CA ASN A 266 -2.63 2.87 -1.74
C ASN A 266 -3.25 1.80 -0.86
N GLY A 267 -4.56 1.78 -0.71
CA GLY A 267 -5.19 0.69 0.04
C GLY A 267 -5.40 -0.54 -0.84
N ALA A 268 -5.19 -1.72 -0.24
CA ALA A 268 -5.49 -2.97 -0.96
C ALA A 268 -6.97 -3.07 -1.27
N LEU A 269 -7.81 -2.72 -0.29
CA LEU A 269 -9.26 -2.80 -0.43
C LEU A 269 -9.93 -1.46 -0.64
N THR A 270 -9.26 -0.36 -0.29
CA THR A 270 -9.93 0.92 -0.16
C THR A 270 -9.40 1.96 -1.16
N THR A 271 -8.58 1.57 -2.13
CA THR A 271 -8.15 2.58 -3.09
C THR A 271 -9.35 3.20 -3.78
N GLY A 272 -9.34 4.53 -3.85
CA GLY A 272 -10.42 5.29 -4.46
C GLY A 272 -11.49 5.70 -3.48
N MET A 273 -11.37 5.33 -2.22
CA MET A 273 -12.33 5.75 -1.22
C MET A 273 -12.20 7.26 -0.96
N THR A 274 -13.34 7.95 -0.90
CA THR A 274 -13.39 9.31 -0.34
C THR A 274 -13.56 9.18 1.16
N VAL A 275 -12.48 9.42 1.89
CA VAL A 275 -12.43 9.24 3.34
C VAL A 275 -12.85 10.56 3.96
N ALA A 276 -14.05 10.58 4.56
CA ALA A 276 -14.58 11.78 5.23
C ALA A 276 -14.44 11.61 6.73
N ASP A 277 -13.93 12.62 7.40
CA ASP A 277 -13.71 12.51 8.84
C ASP A 277 -14.84 13.20 9.57
N PHE A 278 -15.76 12.41 10.09
CA PHE A 278 -16.93 12.94 10.78
C PHE A 278 -16.71 13.03 12.28
N ARG A 279 -15.52 12.70 12.76
CA ARG A 279 -15.27 12.63 14.21
C ARG A 279 -15.35 14.03 14.82
N TYR A 280 -15.63 14.05 16.12
CA TYR A 280 -15.61 15.39 16.67
C TYR A 280 -14.31 15.63 17.43
N PRO A 281 -13.88 16.90 17.57
CA PRO A 281 -14.51 18.11 17.06
C PRO A 281 -14.29 18.30 15.54
N ARG A 282 -15.36 18.66 14.84
CA ARG A 282 -15.31 19.01 13.43
C ARG A 282 -14.62 20.35 13.25
N PRO A 283 -13.68 20.46 12.30
CA PRO A 283 -12.98 21.74 12.11
C PRO A 283 -13.98 22.83 11.72
N LYS A 284 -13.68 24.07 12.15
CA LYS A 284 -14.64 25.16 11.94
C LYS A 284 -14.74 25.57 10.46
N HIS A 285 -13.59 25.56 9.74
CA HIS A 285 -13.48 26.01 8.34
C HIS A 285 -13.02 24.79 7.52
N CYS A 286 -13.93 24.20 6.70
CA CYS A 286 -13.58 23.13 5.77
CA CYS A 286 -13.57 23.13 5.76
C CYS A 286 -13.88 23.55 4.34
N HIS A 287 -12.88 23.44 3.47
CA HIS A 287 -13.14 23.75 2.08
C HIS A 287 -13.92 22.67 1.34
N THR A 288 -14.14 21.51 1.94
CA THR A 288 -14.91 20.44 1.32
C THR A 288 -16.21 20.22 2.07
N GLN A 289 -17.28 19.91 1.33
CA GLN A 289 -18.53 19.52 1.99
C GLN A 289 -19.10 18.35 1.22
N VAL A 290 -19.90 17.55 1.92
CA VAL A 290 -20.47 16.37 1.29
C VAL A 290 -21.98 16.52 1.29
N ALA A 291 -22.61 16.05 0.22
CA ALA A 291 -24.06 16.14 0.14
C ALA A 291 -24.71 14.99 0.90
N VAL A 292 -25.83 15.27 1.58
CA VAL A 292 -26.44 14.32 2.52
C VAL A 292 -27.83 13.91 2.11
N LYS A 293 -28.79 14.84 2.16
CA LYS A 293 -30.18 14.49 1.95
C LYS A 293 -30.78 15.22 0.76
N LEU A 294 -31.45 14.48 -0.12
CA LEU A 294 -32.04 15.05 -1.33
C LEU A 294 -33.47 15.52 -1.10
N ASP A 295 -33.80 16.71 -1.63
CA ASP A 295 -35.22 17.10 -1.78
C ASP A 295 -35.74 16.46 -3.06
N PHE A 296 -36.36 15.30 -2.90
CA PHE A 296 -36.69 14.45 -4.03
C PHE A 296 -37.64 15.16 -4.99
N ASP A 297 -38.71 15.74 -4.43
CA ASP A 297 -39.70 16.38 -5.30
C ASP A 297 -39.08 17.52 -6.07
N LYS A 298 -38.27 18.34 -5.38
CA LYS A 298 -37.65 19.48 -6.04
C LYS A 298 -36.73 19.02 -7.15
N PHE A 299 -35.90 18.00 -6.86
CA PHE A 299 -35.00 17.50 -7.89
C PHE A 299 -35.76 17.08 -9.13
N TRP A 300 -36.79 16.22 -8.97
CA TRP A 300 -37.47 15.74 -10.17
C TRP A 300 -38.27 16.85 -10.86
N CYS A 301 -38.77 17.81 -10.09
CA CYS A 301 -39.43 18.95 -10.68
CA CYS A 301 -39.44 18.94 -10.69
C CYS A 301 -38.48 19.70 -11.61
N LEU A 302 -37.22 19.90 -11.16
CA LEU A 302 -36.25 20.60 -12.02
C LEU A 302 -35.97 19.81 -13.29
N VAL A 303 -35.78 18.50 -13.15
CA VAL A 303 -35.45 17.70 -14.33
C VAL A 303 -36.61 17.76 -15.33
N ILE A 304 -37.84 17.55 -14.84
CA ILE A 304 -38.99 17.51 -15.73
C ILE A 304 -39.22 18.89 -16.35
N ASP A 305 -39.01 19.96 -15.57
CA ASP A 305 -39.09 21.32 -16.10
C ASP A 305 -38.06 21.58 -17.20
N ALA A 306 -36.80 21.14 -17.03
CA ALA A 306 -35.82 21.33 -18.08
C ALA A 306 -36.25 20.65 -19.37
N LEU A 307 -36.75 19.40 -19.27
CA LEU A 307 -37.24 18.71 -20.47
C LEU A 307 -38.37 19.49 -21.13
N LYS A 308 -39.29 19.98 -20.33
CA LYS A 308 -40.42 20.77 -20.88
C LYS A 308 -39.88 21.99 -21.62
N ARG A 309 -38.92 22.70 -21.03
CA ARG A 309 -38.40 23.91 -21.64
C ARG A 309 -37.60 23.64 -22.89
N ILE A 310 -36.88 22.52 -22.93
CA ILE A 310 -36.15 22.16 -24.15
C ILE A 310 -37.13 21.95 -25.29
N GLY A 311 -38.26 21.31 -25.01
CA GLY A 311 -39.25 21.04 -26.06
C GLY A 311 -38.69 20.12 -27.11
N ASP A 312 -39.01 20.39 -28.38
CA ASP A 312 -38.57 19.56 -29.50
C ASP A 312 -37.75 20.46 -30.39
N PRO A 313 -36.44 20.44 -30.25
CA PRO A 313 -35.61 21.38 -31.01
C PRO A 313 -35.70 20.95 -32.47
N PRO B 2 23.48 16.10 -36.24
CA PRO B 2 23.42 15.96 -34.77
C PRO B 2 22.08 15.39 -34.29
N ARG B 3 22.06 14.81 -33.11
CA ARG B 3 20.81 14.32 -32.53
C ARG B 3 20.11 15.44 -31.79
N LYS B 4 18.91 15.80 -32.25
CA LYS B 4 18.14 16.85 -31.59
C LYS B 4 17.64 16.34 -30.25
N ILE B 5 17.85 17.12 -29.20
CA ILE B 5 17.38 16.76 -27.86
C ILE B 5 16.60 17.91 -27.23
N ILE B 6 15.74 17.54 -26.29
CA ILE B 6 15.11 18.49 -25.37
C ILE B 6 15.62 18.12 -23.98
N LEU B 7 16.25 19.06 -23.32
CA LEU B 7 16.89 18.81 -22.03
C LEU B 7 15.96 19.33 -20.94
N ASP B 8 15.31 18.42 -20.21
CA ASP B 8 14.34 18.79 -19.18
C ASP B 8 15.02 18.64 -17.83
N CYS B 9 15.16 19.73 -17.06
CA CYS B 9 16.11 19.70 -15.96
C CYS B 9 15.63 20.58 -14.80
N ASP B 10 16.38 20.52 -13.70
CA ASP B 10 16.14 21.33 -12.49
C ASP B 10 17.47 21.82 -11.92
N PRO B 11 18.17 22.70 -12.64
CA PRO B 11 19.53 23.10 -12.21
C PRO B 11 19.58 23.77 -10.84
N GLY B 12 20.48 23.30 -9.96
CA GLY B 12 21.22 22.04 -10.04
C GLY B 12 22.59 22.08 -10.70
N ILE B 13 23.65 21.81 -9.93
CA ILE B 13 25.02 21.88 -10.48
C ILE B 13 25.21 20.77 -11.51
N ASP B 14 24.69 19.56 -11.24
CA ASP B 14 24.98 18.56 -12.25
C ASP B 14 24.16 18.83 -13.51
N ASP B 15 22.95 19.43 -13.39
CA ASP B 15 22.22 19.81 -14.60
C ASP B 15 23.00 20.85 -15.38
N ALA B 16 23.65 21.78 -14.68
CA ALA B 16 24.47 22.79 -15.35
C ALA B 16 25.53 22.14 -16.22
N VAL B 17 26.22 21.14 -15.66
CA VAL B 17 27.22 20.41 -16.44
C VAL B 17 26.58 19.71 -17.61
N ALA B 18 25.38 19.16 -17.42
CA ALA B 18 24.68 18.54 -18.55
C ALA B 18 24.38 19.55 -19.65
N ILE B 19 23.94 20.75 -19.27
CA ILE B 19 23.67 21.79 -20.26
C ILE B 19 24.95 22.16 -21.00
N PHE B 20 26.06 22.30 -20.26
CA PHE B 20 27.34 22.60 -20.92
C PHE B 20 27.71 21.50 -21.91
N LEU B 21 27.57 20.24 -21.51
CA LEU B 21 27.92 19.14 -22.39
C LEU B 21 27.05 19.14 -23.64
N ALA B 22 25.72 19.30 -23.47
CA ALA B 22 24.81 19.30 -24.62
C ALA B 22 25.12 20.44 -25.58
N HIS B 23 25.42 21.63 -25.04
CA HIS B 23 25.69 22.78 -25.89
C HIS B 23 27.04 22.65 -26.61
N GLY B 24 28.06 22.20 -25.89
CA GLY B 24 29.41 22.15 -26.40
C GLY B 24 29.70 20.99 -27.33
N ASN B 25 28.96 19.93 -27.22
CA ASN B 25 29.34 18.80 -28.05
C ASN B 25 28.60 18.85 -29.37
N PRO B 26 29.29 18.64 -30.50
CA PRO B 26 28.63 18.76 -31.80
C PRO B 26 27.72 17.61 -32.20
N GLU B 27 27.71 16.48 -31.48
CA GLU B 27 26.83 15.37 -31.90
C GLU B 27 25.38 15.59 -31.46
N VAL B 28 25.12 16.59 -30.65
CA VAL B 28 23.78 16.83 -30.16
C VAL B 28 23.40 18.25 -30.53
N GLU B 29 22.11 18.47 -30.76
CA GLU B 29 21.56 19.81 -30.97
C GLU B 29 20.49 20.09 -29.92
N LEU B 30 20.78 21.02 -29.03
CA LEU B 30 19.82 21.39 -28.01
C LEU B 30 18.65 22.19 -28.61
N LEU B 31 17.43 21.63 -28.59
CA LEU B 31 16.26 22.34 -29.11
C LEU B 31 15.59 23.21 -28.07
N ALA B 32 15.74 22.87 -26.78
CA ALA B 32 15.13 23.62 -25.69
C ALA B 32 15.67 23.12 -24.38
N ILE B 33 15.65 23.99 -23.38
CA ILE B 33 15.95 23.67 -21.99
C ILE B 33 14.65 23.93 -21.23
N THR B 34 14.06 22.89 -20.67
CA THR B 34 12.78 23.05 -19.99
C THR B 34 13.03 22.71 -18.53
N THR B 35 12.38 23.41 -17.61
CA THR B 35 12.65 23.23 -16.20
C THR B 35 11.44 22.66 -15.47
N VAL B 36 11.72 22.06 -14.33
CA VAL B 36 10.69 21.36 -13.58
C VAL B 36 11.06 21.51 -12.11
N VAL B 37 10.02 21.62 -11.26
CA VAL B 37 10.26 21.65 -9.81
C VAL B 37 11.06 20.40 -9.36
N GLY B 38 11.96 20.60 -8.40
CA GLY B 38 12.61 19.43 -7.82
C GLY B 38 12.73 19.65 -6.31
N ASN B 39 13.97 19.59 -5.86
CA ASN B 39 14.31 19.91 -4.47
C ASN B 39 14.33 21.42 -4.25
N GLN B 40 14.65 22.20 -5.32
CA GLN B 40 14.46 23.64 -5.30
C GLN B 40 13.21 23.97 -6.09
N THR B 41 12.65 25.14 -5.79
CA THR B 41 11.41 25.47 -6.45
C THR B 41 11.59 25.65 -7.94
N LEU B 42 10.47 25.59 -8.66
CA LEU B 42 10.50 25.83 -10.09
C LEU B 42 11.06 27.22 -10.39
N GLU B 43 10.63 28.22 -9.62
CA GLU B 43 11.15 29.57 -9.85
C GLU B 43 12.67 29.60 -9.72
N LYS B 44 13.20 28.96 -8.66
CA LYS B 44 14.64 28.98 -8.41
C LYS B 44 15.42 28.23 -9.50
N VAL B 45 14.98 27.04 -9.88
CA VAL B 45 15.76 26.33 -10.90
C VAL B 45 15.59 26.98 -12.24
N THR B 46 14.52 27.74 -12.45
CA THR B 46 14.39 28.44 -13.73
C THR B 46 15.36 29.61 -13.81
N ARG B 47 15.52 30.34 -12.70
CA ARG B 47 16.59 31.36 -12.62
C ARG B 47 17.95 30.73 -12.85
N ASN B 48 18.20 29.57 -12.22
CA ASN B 48 19.47 28.88 -12.39
C ASN B 48 19.71 28.46 -13.84
N ALA B 49 18.67 27.96 -14.53
CA ALA B 49 18.83 27.59 -15.94
C ALA B 49 19.20 28.81 -16.79
N ARG B 50 18.55 29.95 -16.55
CA ARG B 50 18.88 31.15 -17.31
C ARG B 50 20.31 31.62 -17.02
N LEU B 51 20.74 31.51 -15.75
CA LEU B 51 22.14 31.78 -15.42
C LEU B 51 23.09 30.89 -16.20
N VAL B 52 22.80 29.58 -16.24
CA VAL B 52 23.71 28.66 -16.92
C VAL B 52 23.75 28.97 -18.41
N ALA B 53 22.60 29.26 -18.99
CA ALA B 53 22.56 29.67 -20.40
C ALA B 53 23.37 30.95 -20.63
N ASP B 54 23.32 31.91 -19.69
CA ASP B 54 24.10 33.14 -19.81
C ASP B 54 25.58 32.80 -19.82
N VAL B 55 25.99 31.97 -18.85
CA VAL B 55 27.40 31.64 -18.69
C VAL B 55 27.92 30.95 -19.94
N ALA B 56 27.16 30.04 -20.51
CA ALA B 56 27.65 29.34 -21.67
C ALA B 56 27.39 30.07 -22.97
N GLY B 57 26.79 31.27 -22.91
CA GLY B 57 26.44 31.98 -24.15
C GLY B 57 25.48 31.23 -25.06
N ILE B 58 24.49 30.56 -24.49
CA ILE B 58 23.56 29.77 -25.30
C ILE B 58 22.50 30.70 -25.89
N VAL B 59 22.45 30.78 -27.21
CA VAL B 59 21.50 31.66 -27.88
C VAL B 59 20.68 30.83 -28.84
N GLY B 60 19.45 31.27 -29.12
CA GLY B 60 18.60 30.52 -30.05
C GLY B 60 17.97 29.26 -29.46
N VAL B 61 18.05 29.08 -28.15
CA VAL B 61 17.53 27.88 -27.49
C VAL B 61 16.53 28.34 -26.43
N PRO B 62 15.26 28.07 -26.65
CA PRO B 62 14.24 28.52 -25.71
C PRO B 62 14.47 27.86 -24.37
N VAL B 63 14.38 28.66 -23.32
CA VAL B 63 14.35 28.18 -21.95
C VAL B 63 12.93 28.38 -21.45
N ALA B 64 12.23 27.29 -21.11
CA ALA B 64 10.81 27.37 -20.76
C ALA B 64 10.54 26.73 -19.41
N ALA B 65 9.85 27.48 -18.56
CA ALA B 65 9.51 27.01 -17.22
C ALA B 65 8.34 26.03 -17.25
N GLY B 66 8.48 24.93 -16.52
CA GLY B 66 7.38 23.96 -16.49
C GLY B 66 6.64 23.85 -15.17
N CYS B 67 6.40 22.61 -14.74
CA CYS B 67 5.42 22.36 -13.67
C CYS B 67 5.95 22.90 -12.34
N THR B 68 5.10 23.63 -11.58
CA THR B 68 5.47 24.16 -10.28
C THR B 68 5.34 23.13 -9.16
N LYS B 69 4.58 22.05 -9.40
CA LYS B 69 4.36 21.04 -8.38
C LYS B 69 4.44 19.68 -9.04
N PRO B 70 4.84 18.66 -8.28
CA PRO B 70 4.69 17.26 -8.74
C PRO B 70 3.24 16.94 -9.01
N LEU B 71 3.00 15.81 -9.70
CA LEU B 71 1.62 15.46 -10.01
C LEU B 71 0.76 15.33 -8.75
N VAL B 72 1.18 14.47 -7.82
CA VAL B 72 0.36 14.11 -6.67
C VAL B 72 1.05 14.43 -5.36
N ARG B 73 2.36 14.20 -5.26
CA ARG B 73 3.03 14.34 -3.98
C ARG B 73 3.23 15.80 -3.60
N GLY B 74 3.31 16.07 -2.31
CA GLY B 74 3.83 17.36 -1.88
C GLY B 74 5.30 17.52 -2.25
N VAL B 75 5.80 18.76 -2.15
CA VAL B 75 7.23 19.03 -2.47
C VAL B 75 8.19 18.66 -1.36
N THR B 85 24.38 33.10 -3.60
CA THR B 85 22.92 33.10 -3.47
C THR B 85 22.22 33.17 -4.85
N GLY B 86 22.93 32.77 -5.92
CA GLY B 86 22.33 32.50 -7.21
C GLY B 86 22.26 31.00 -7.45
N MET B 87 23.39 30.41 -7.87
CA MET B 87 23.63 28.95 -8.02
C MET B 87 24.88 28.68 -7.17
N GLY B 88 24.89 27.59 -6.43
CA GLY B 88 25.85 27.46 -5.34
C GLY B 88 26.12 28.81 -4.67
N ASN B 89 27.34 29.34 -4.85
CA ASN B 89 27.72 30.66 -4.38
C ASN B 89 27.95 31.67 -5.52
N VAL B 90 27.53 31.38 -6.74
CA VAL B 90 27.61 32.41 -7.79
C VAL B 90 26.41 33.33 -7.62
N SER B 91 26.58 34.60 -7.90
CA SER B 91 25.45 35.52 -7.83
C SER B 91 24.77 35.62 -9.19
N TYR B 92 23.51 35.99 -9.16
CA TYR B 92 22.80 36.25 -10.39
C TYR B 92 23.18 37.63 -10.92
N PRO B 93 23.19 37.83 -12.23
CA PRO B 93 23.30 39.19 -12.75
C PRO B 93 22.00 39.93 -12.46
N PRO B 94 22.01 41.28 -12.43
CA PRO B 94 20.74 42.01 -12.27
C PRO B 94 19.70 41.70 -13.36
N GLU B 95 20.11 41.44 -14.61
CA GLU B 95 19.21 41.05 -15.68
C GLU B 95 19.87 39.89 -16.46
N PHE B 96 19.11 38.84 -16.75
CA PHE B 96 19.64 37.77 -17.60
C PHE B 96 19.64 38.20 -19.05
N LYS B 97 20.63 37.73 -19.79
CA LYS B 97 20.63 37.93 -21.27
C LYS B 97 19.62 36.94 -21.83
N THR B 98 19.49 35.78 -21.18
CA THR B 98 18.62 34.74 -21.67
C THR B 98 17.20 35.03 -21.20
N LYS B 99 16.32 35.11 -22.17
CA LYS B 99 14.93 35.45 -21.86
C LYS B 99 14.18 34.17 -21.48
N LEU B 100 13.22 34.35 -20.63
CA LEU B 100 12.32 33.27 -20.27
C LEU B 100 11.27 33.14 -21.36
N ASP B 101 11.18 31.97 -21.98
CA ASP B 101 10.15 31.73 -22.99
C ASP B 101 8.76 31.88 -22.38
N GLY B 102 7.79 32.25 -23.24
CA GLY B 102 6.44 32.50 -22.77
C GLY B 102 5.62 31.25 -22.58
N ARG B 103 6.03 30.17 -23.21
CA ARG B 103 5.25 28.94 -23.23
C ARG B 103 5.57 28.12 -21.98
N HIS B 104 4.56 27.47 -21.43
CA HIS B 104 4.82 26.45 -20.43
C HIS B 104 5.66 25.35 -21.06
N ALA B 105 6.59 24.81 -20.27
CA ALA B 105 7.46 23.76 -20.80
C ALA B 105 6.67 22.60 -21.38
N VAL B 106 5.57 22.21 -20.74
CA VAL B 106 4.80 21.08 -21.27
C VAL B 106 4.31 21.37 -22.70
N GLN B 107 3.83 22.60 -22.93
CA GLN B 107 3.36 22.95 -24.25
C GLN B 107 4.50 23.06 -25.25
N LEU B 108 5.67 23.58 -24.83
CA LEU B 108 6.82 23.66 -25.72
C LEU B 108 7.25 22.26 -26.12
N ILE B 109 7.28 21.33 -25.17
CA ILE B 109 7.67 19.95 -25.48
C ILE B 109 6.74 19.38 -26.56
N ILE B 110 5.40 19.53 -26.35
CA ILE B 110 4.42 19.05 -27.32
C ILE B 110 4.64 19.71 -28.68
N ASP B 111 4.80 21.03 -28.69
CA ASP B 111 4.90 21.78 -29.94
C ASP B 111 6.11 21.33 -30.75
N LEU B 112 7.27 21.18 -30.08
CA LEU B 112 8.47 20.72 -30.76
C LEU B 112 8.28 19.34 -31.33
N ILE B 113 7.75 18.42 -30.51
CA ILE B 113 7.63 17.05 -31.00
C ILE B 113 6.67 16.96 -32.18
N MET B 114 5.52 17.63 -32.10
CA MET B 114 4.53 17.55 -33.18
C MET B 114 4.96 18.27 -34.44
N SER B 115 5.78 19.32 -34.32
CA SER B 115 6.23 20.10 -35.46
C SER B 115 7.44 19.51 -36.18
N HIS B 116 8.23 18.66 -35.54
CA HIS B 116 9.37 18.02 -36.20
C HIS B 116 8.98 16.67 -36.77
N GLU B 117 9.76 16.23 -37.74
CA GLU B 117 9.55 14.92 -38.34
C GLU B 117 9.57 13.81 -37.27
N PRO B 118 8.82 12.73 -37.47
CA PRO B 118 8.81 11.67 -36.46
C PRO B 118 10.18 11.05 -36.27
N LYS B 119 10.44 10.63 -35.03
CA LYS B 119 11.65 9.91 -34.63
C LYS B 119 12.92 10.74 -34.79
N THR B 120 12.84 12.08 -34.69
CA THR B 120 14.05 12.90 -34.73
C THR B 120 14.43 13.55 -33.41
N ILE B 121 13.58 13.52 -32.38
CA ILE B 121 13.90 14.20 -31.13
C ILE B 121 14.07 13.18 -30.01
N THR B 122 15.12 13.34 -29.22
CA THR B 122 15.35 12.55 -28.02
C THR B 122 15.08 13.39 -26.78
N LEU B 123 14.24 12.89 -25.89
CA LEU B 123 13.97 13.59 -24.64
C LEU B 123 15.04 13.20 -23.63
N VAL B 124 15.65 14.18 -23.00
CA VAL B 124 16.69 13.93 -21.99
C VAL B 124 16.27 14.56 -20.67
N PRO B 125 15.49 13.87 -19.85
CA PRO B 125 15.09 14.42 -18.55
C PRO B 125 16.21 14.18 -17.54
N THR B 126 16.54 15.22 -16.77
CA THR B 126 17.49 15.06 -15.67
C THR B 126 16.95 15.63 -14.36
N GLY B 127 15.64 15.83 -14.26
CA GLY B 127 15.00 16.17 -12.99
C GLY B 127 13.80 15.26 -12.77
N GLY B 128 12.87 15.66 -11.91
CA GLY B 128 11.60 14.93 -11.80
C GLY B 128 10.92 14.85 -13.15
N LEU B 129 10.11 13.80 -13.36
CA LEU B 129 9.56 13.57 -14.70
C LEU B 129 8.20 14.25 -14.95
N THR B 130 7.83 15.21 -14.11
CA THR B 130 6.49 15.79 -14.15
C THR B 130 6.12 16.39 -15.51
N ASN B 131 7.03 17.18 -16.11
CA ASN B 131 6.69 17.77 -17.43
C ASN B 131 6.50 16.69 -18.47
N ILE B 132 7.38 15.68 -18.47
CA ILE B 132 7.29 14.62 -19.48
C ILE B 132 5.95 13.88 -19.35
N ALA B 133 5.57 13.52 -18.12
CA ALA B 133 4.33 12.80 -17.88
C ALA B 133 3.10 13.63 -18.27
N MET B 134 3.12 14.94 -17.94
CA MET B 134 2.01 15.81 -18.33
C MET B 134 1.90 15.89 -19.85
N ALA B 135 3.04 16.01 -20.54
CA ALA B 135 3.01 16.10 -21.98
C ALA B 135 2.44 14.83 -22.58
N VAL B 136 2.83 13.67 -22.02
CA VAL B 136 2.35 12.38 -22.48
C VAL B 136 0.83 12.28 -22.38
N ARG B 137 0.26 12.74 -21.24
CA ARG B 137 -1.17 12.58 -21.04
C ARG B 137 -1.97 13.63 -21.80
N LEU B 138 -1.42 14.83 -21.98
CA LEU B 138 -2.14 15.87 -22.71
C LEU B 138 -2.11 15.63 -24.22
N GLU B 139 -0.98 15.13 -24.76
CA GLU B 139 -0.87 14.84 -26.20
C GLU B 139 -0.27 13.45 -26.37
N PRO B 140 -1.08 12.40 -26.34
CA PRO B 140 -0.54 11.04 -26.46
C PRO B 140 0.21 10.77 -27.77
N ARG B 141 -0.04 11.58 -28.81
CA ARG B 141 0.67 11.38 -30.06
C ARG B 141 2.16 11.61 -29.94
N ILE B 142 2.62 12.32 -28.89
CA ILE B 142 4.06 12.50 -28.79
C ILE B 142 4.77 11.17 -28.52
N VAL B 143 4.10 10.14 -27.96
CA VAL B 143 4.85 8.97 -27.50
C VAL B 143 5.49 8.24 -28.69
N ASP B 144 4.70 7.92 -29.70
CA ASP B 144 5.23 7.25 -30.91
C ASP B 144 6.11 8.18 -31.73
N ARG B 145 5.97 9.49 -31.58
CA ARG B 145 6.74 10.43 -32.38
C ARG B 145 8.15 10.64 -31.84
N VAL B 146 8.36 10.50 -30.54
CA VAL B 146 9.68 10.69 -29.94
C VAL B 146 10.63 9.57 -30.35
N LYS B 147 11.91 9.90 -30.54
CA LYS B 147 12.88 8.86 -30.87
C LYS B 147 13.06 7.89 -29.70
N GLU B 148 13.40 8.44 -28.55
CA GLU B 148 13.59 7.66 -27.33
C GLU B 148 13.71 8.67 -26.20
N VAL B 149 13.73 8.14 -24.99
CA VAL B 149 13.90 8.92 -23.76
C VAL B 149 15.17 8.39 -23.10
N VAL B 150 16.10 9.28 -22.78
CA VAL B 150 17.31 8.92 -22.05
C VAL B 150 17.29 9.79 -20.80
N LEU B 151 17.00 9.18 -19.65
CA LEU B 151 16.85 9.99 -18.46
C LEU B 151 17.92 9.72 -17.42
N MET B 152 18.28 10.76 -16.68
CA MET B 152 19.03 10.53 -15.45
C MET B 152 18.04 10.45 -14.30
N GLY B 153 17.95 9.27 -13.72
CA GLY B 153 16.98 9.06 -12.69
C GLY B 153 17.00 7.61 -12.31
N GLY B 154 16.52 7.29 -11.12
CA GLY B 154 16.34 5.91 -10.77
C GLY B 154 17.62 5.27 -10.31
N GLY B 155 17.51 3.98 -10.04
CA GLY B 155 18.66 3.26 -9.50
C GLY B 155 18.23 1.83 -9.21
N TYR B 156 18.73 0.85 -9.99
CA TYR B 156 18.13 -0.47 -9.84
C TYR B 156 18.63 -1.14 -8.58
N HIS B 157 19.87 -0.88 -8.15
CA HIS B 157 20.43 -1.39 -6.91
C HIS B 157 21.05 -0.32 -6.02
N THR B 158 20.60 0.94 -6.11
CA THR B 158 21.21 2.03 -5.34
C THR B 158 20.13 3.10 -5.11
N GLY B 159 20.10 3.69 -3.92
CA GLY B 159 19.22 4.82 -3.67
C GLY B 159 20.01 5.97 -3.07
N ASN B 160 19.43 7.17 -3.14
CA ASN B 160 19.99 8.22 -2.29
C ASN B 160 18.89 8.88 -1.48
N ALA B 161 17.76 9.22 -2.13
CA ALA B 161 16.64 9.80 -1.41
C ALA B 161 16.08 8.86 -0.35
N SER B 162 16.19 7.56 -0.59
CA SER B 162 15.80 6.58 0.43
C SER B 162 16.81 5.44 0.25
N PRO B 163 16.72 4.38 1.05
CA PRO B 163 17.61 3.25 0.78
C PRO B 163 17.49 2.73 -0.63
N VAL B 164 16.32 2.87 -1.26
CA VAL B 164 16.17 2.27 -2.58
C VAL B 164 15.72 3.24 -3.66
N ALA B 165 15.42 4.47 -3.32
CA ALA B 165 14.88 5.41 -4.30
C ALA B 165 15.89 6.53 -4.61
N GLU B 166 15.91 6.94 -5.87
CA GLU B 166 16.72 8.07 -6.32
C GLU B 166 15.85 9.33 -6.33
N PHE B 167 16.49 10.50 -6.16
CA PHE B 167 15.77 11.75 -5.97
CA PHE B 167 15.76 11.74 -5.96
C PHE B 167 14.78 12.04 -7.08
N ASN B 168 15.24 11.96 -8.34
CA ASN B 168 14.38 12.40 -9.44
C ASN B 168 13.09 11.60 -9.51
N VAL B 169 13.16 10.31 -9.25
CA VAL B 169 11.96 9.48 -9.25
C VAL B 169 11.17 9.70 -7.98
N PHE B 170 11.87 9.81 -6.86
CA PHE B 170 11.26 9.97 -5.55
C PHE B 170 10.42 11.23 -5.46
N VAL B 171 10.84 12.30 -6.13
CA VAL B 171 10.09 13.54 -5.99
C VAL B 171 8.80 13.52 -6.77
N ASP B 172 8.63 12.60 -7.73
CA ASP B 172 7.36 12.45 -8.46
C ASP B 172 7.26 11.03 -8.98
N PRO B 173 6.93 10.06 -8.10
CA PRO B 173 6.87 8.67 -8.53
C PRO B 173 5.79 8.46 -9.55
N GLU B 174 4.64 9.14 -9.41
CA GLU B 174 3.56 8.95 -10.40
C GLU B 174 4.01 9.38 -11.77
N ALA B 175 4.75 10.50 -11.86
CA ALA B 175 5.23 10.93 -13.17
C ALA B 175 6.20 9.93 -13.76
N ALA B 176 7.08 9.36 -12.90
CA ALA B 176 8.00 8.32 -13.40
C ALA B 176 7.24 7.10 -13.87
N HIS B 177 6.21 6.70 -13.13
CA HIS B 177 5.40 5.56 -13.56
C HIS B 177 4.80 5.81 -14.93
N ILE B 178 4.32 7.03 -15.17
CA ILE B 178 3.74 7.33 -16.47
C ILE B 178 4.79 7.14 -17.56
N VAL B 179 5.97 7.73 -17.34
CA VAL B 179 7.03 7.70 -18.37
C VAL B 179 7.51 6.27 -18.63
N PHE B 180 7.72 5.49 -17.57
CA PHE B 180 8.29 4.17 -17.73
C PHE B 180 7.28 3.19 -18.29
N ASN B 181 6.00 3.51 -18.26
CA ASN B 181 5.01 2.56 -18.75
C ASN B 181 4.44 2.93 -20.10
N GLU B 182 5.01 3.91 -20.78
CA GLU B 182 4.62 4.14 -22.18
C GLU B 182 5.46 3.23 -23.08
N SER B 183 5.09 3.16 -24.35
CA SER B 183 5.72 2.15 -25.19
C SER B 183 7.05 2.60 -25.79
N TRP B 184 7.40 3.87 -25.66
CA TRP B 184 8.64 4.38 -26.22
C TRP B 184 9.84 3.76 -25.55
N ASN B 185 10.98 3.85 -26.23
CA ASN B 185 12.23 3.31 -25.70
C ASN B 185 12.77 4.22 -24.62
N VAL B 186 13.13 3.62 -23.50
CA VAL B 186 13.63 4.35 -22.34
C VAL B 186 14.98 3.78 -21.95
N THR B 187 15.99 4.64 -21.83
CA THR B 187 17.24 4.29 -21.21
C THR B 187 17.31 4.97 -19.85
N MET B 188 17.40 4.18 -18.79
CA MET B 188 17.50 4.69 -17.44
C MET B 188 18.98 4.79 -17.07
N VAL B 189 19.51 6.01 -17.01
CA VAL B 189 20.86 6.26 -16.50
C VAL B 189 20.72 6.54 -15.00
N GLY B 190 20.74 5.50 -14.18
CA GLY B 190 20.50 5.65 -12.78
C GLY B 190 21.79 5.70 -11.97
N LEU B 191 21.61 5.69 -10.65
CA LEU B 191 22.70 5.86 -9.69
C LEU B 191 23.71 4.74 -9.80
N ASP B 192 23.27 3.56 -10.24
CA ASP B 192 24.22 2.47 -10.39
C ASP B 192 25.35 2.87 -11.35
N LEU B 193 24.97 3.57 -12.41
CA LEU B 193 25.91 4.15 -13.37
C LEU B 193 26.56 5.43 -12.83
N THR B 194 25.74 6.44 -12.43
CA THR B 194 26.32 7.75 -12.22
C THR B 194 27.20 7.82 -10.98
N HIS B 195 27.05 6.92 -10.01
CA HIS B 195 27.99 6.96 -8.90
C HIS B 195 29.44 6.74 -9.37
N GLN B 196 29.66 6.31 -10.59
CA GLN B 196 30.99 6.13 -11.14
C GLN B 196 31.54 7.41 -11.74
N ALA B 197 30.70 8.43 -11.98
CA ALA B 197 31.12 9.66 -12.66
C ALA B 197 31.76 10.61 -11.65
N LEU B 198 32.93 10.16 -11.13
CA LEU B 198 33.56 10.84 -10.00
C LEU B 198 34.35 12.05 -10.45
N ALA B 199 34.16 13.18 -9.78
CA ALA B 199 34.94 14.39 -10.08
C ALA B 199 36.20 14.36 -9.21
N THR B 200 37.13 13.52 -9.63
CA THR B 200 38.35 13.29 -8.84
C THR B 200 39.23 14.54 -8.89
N PRO B 201 40.17 14.68 -7.95
CA PRO B 201 41.17 15.76 -8.10
C PRO B 201 41.81 15.82 -9.48
N ALA B 202 42.17 14.72 -10.14
CA ALA B 202 42.74 14.87 -11.47
C ALA B 202 41.73 15.47 -12.45
N VAL B 203 40.45 15.10 -12.33
CA VAL B 203 39.46 15.65 -13.26
C VAL B 203 39.29 17.13 -13.02
N GLN B 204 39.19 17.53 -11.75
CA GLN B 204 39.02 18.93 -11.44
C GLN B 204 40.22 19.76 -11.90
N LYS B 205 41.42 19.17 -11.87
CA LYS B 205 42.57 19.90 -12.40
C LYS B 205 42.46 20.08 -13.89
N ARG B 206 42.03 19.04 -14.61
CA ARG B 206 41.83 19.21 -16.05
C ARG B 206 40.75 20.26 -16.35
N VAL B 207 39.68 20.28 -15.55
CA VAL B 207 38.66 21.33 -15.70
C VAL B 207 39.27 22.70 -15.47
N LYS B 208 40.01 22.87 -14.37
CA LYS B 208 40.68 24.14 -14.11
C LYS B 208 41.52 24.56 -15.30
N GLU B 209 42.19 23.59 -15.93
CA GLU B 209 43.16 23.93 -16.96
C GLU B 209 42.52 24.26 -18.28
N VAL B 210 41.23 24.00 -18.46
CA VAL B 210 40.55 24.54 -19.63
C VAL B 210 40.67 26.07 -19.66
N GLY B 211 40.58 26.73 -18.50
CA GLY B 211 40.95 28.13 -18.39
C GLY B 211 39.95 29.12 -18.98
N THR B 212 38.68 28.77 -18.99
CA THR B 212 37.60 29.61 -19.50
C THR B 212 36.71 30.01 -18.34
N LYS B 213 35.92 31.08 -18.53
CA LYS B 213 34.97 31.46 -17.49
C LYS B 213 33.91 30.38 -17.24
N PRO B 214 33.39 29.66 -18.26
CA PRO B 214 32.49 28.51 -17.96
C PRO B 214 33.17 27.39 -17.17
N ALA B 215 34.45 27.11 -17.44
CA ALA B 215 35.14 26.11 -16.64
C ALA B 215 35.24 26.55 -15.18
N ALA B 216 35.60 27.82 -14.94
CA ALA B 216 35.76 28.32 -13.58
C ALA B 216 34.42 28.34 -12.85
N PHE B 217 33.33 28.64 -13.58
CA PHE B 217 31.99 28.56 -13.00
C PHE B 217 31.68 27.14 -12.55
N MET B 218 31.99 26.16 -13.40
CA MET B 218 31.67 24.79 -13.10
C MET B 218 32.51 24.34 -11.90
N LEU B 219 33.77 24.78 -11.85
CA LEU B 219 34.61 24.42 -10.70
C LEU B 219 34.13 25.04 -9.41
N GLN B 220 33.76 26.31 -9.45
CA GLN B 220 33.25 26.96 -8.24
C GLN B 220 32.00 26.26 -7.71
N ILE B 221 31.05 25.95 -8.59
CA ILE B 221 29.83 25.35 -8.06
C ILE B 221 30.05 23.89 -7.68
N LEU B 222 30.95 23.21 -8.37
CA LEU B 222 31.25 21.84 -7.97
C LEU B 222 32.10 21.81 -6.71
N ASP B 223 32.81 22.89 -6.37
CA ASP B 223 33.47 22.93 -5.07
C ASP B 223 32.42 23.04 -3.96
N PHE B 224 31.44 23.94 -4.16
CA PHE B 224 30.25 23.95 -3.30
C PHE B 224 29.60 22.56 -3.20
N TYR B 225 29.69 21.75 -4.27
CA TYR B 225 29.11 20.41 -4.33
C TYR B 225 29.98 19.35 -3.63
N THR B 226 31.28 19.44 -3.80
CA THR B 226 32.20 18.55 -3.11
C THR B 226 32.10 18.72 -1.61
N LYS B 227 31.93 19.95 -1.14
CA LYS B 227 31.82 20.14 0.30
C LYS B 227 30.63 19.36 0.86
N VAL B 228 29.48 19.42 0.18
CA VAL B 228 28.28 18.73 0.65
C VAL B 228 28.36 17.21 0.41
N TYR B 229 29.03 16.75 -0.67
CA TYR B 229 29.14 15.31 -0.86
C TYR B 229 30.09 14.69 0.15
N GLU B 230 31.19 15.37 0.49
CA GLU B 230 32.02 14.85 1.57
C GLU B 230 31.22 14.83 2.87
N LYS B 231 30.52 15.93 3.17
CA LYS B 231 29.79 16.01 4.44
C LYS B 231 28.65 14.99 4.57
N GLU B 232 27.93 14.71 3.47
CA GLU B 232 26.70 13.90 3.52
C GLU B 232 26.80 12.50 2.91
N ARG B 233 27.85 12.19 2.16
CA ARG B 233 27.97 10.87 1.55
C ARG B 233 29.35 10.25 1.67
N ASN B 234 30.33 10.95 2.24
CA ASN B 234 31.69 10.43 2.41
C ASN B 234 32.33 10.00 1.09
N THR B 235 32.07 10.71 -0.01
CA THR B 235 32.71 10.42 -1.29
C THR B 235 33.10 11.73 -1.99
N TYR B 236 33.91 11.59 -3.06
CA TYR B 236 34.08 12.68 -4.02
C TYR B 236 32.74 13.06 -4.63
N ALA B 237 32.70 14.23 -5.24
CA ALA B 237 31.50 14.64 -5.95
C ALA B 237 31.29 13.75 -7.18
N THR B 238 30.06 13.26 -7.37
CA THR B 238 29.68 12.59 -8.60
C THR B 238 28.80 13.55 -9.40
N VAL B 239 28.99 13.59 -10.72
CA VAL B 239 28.16 14.42 -11.59
C VAL B 239 27.19 13.49 -12.30
N HIS B 240 25.93 13.52 -11.90
CA HIS B 240 25.01 12.54 -12.46
C HIS B 240 24.49 12.96 -13.84
N ASP B 241 23.74 14.06 -13.89
CA ASP B 241 23.01 14.41 -15.10
C ASP B 241 23.77 14.41 -16.43
N PRO B 242 25.02 14.88 -16.55
CA PRO B 242 25.68 14.81 -17.86
C PRO B 242 25.87 13.39 -18.39
N CYS B 243 25.79 12.38 -17.52
CA CYS B 243 25.88 11.02 -18.01
C CYS B 243 24.78 10.73 -19.04
N ALA B 244 23.56 11.25 -18.81
CA ALA B 244 22.49 10.96 -19.75
C ALA B 244 22.75 11.65 -21.08
N VAL B 245 23.28 12.87 -21.04
CA VAL B 245 23.63 13.51 -22.29
C VAL B 245 24.73 12.74 -22.96
N ALA B 246 25.68 12.25 -22.16
CA ALA B 246 26.82 11.55 -22.74
C ALA B 246 26.35 10.34 -23.53
N TYR B 247 25.29 9.69 -23.04
CA TYR B 247 24.80 8.49 -23.72
C TYR B 247 24.24 8.81 -25.09
N VAL B 248 23.60 9.99 -25.25
CA VAL B 248 23.10 10.35 -26.56
C VAL B 248 24.26 10.72 -27.49
N ILE B 249 25.29 11.37 -26.95
CA ILE B 249 26.47 11.72 -27.74
C ILE B 249 27.16 10.47 -28.27
N ASP B 250 27.34 9.49 -27.41
CA ASP B 250 28.11 8.30 -27.75
C ASP B 250 27.67 7.14 -26.86
N PRO B 251 26.79 6.26 -27.35
CA PRO B 251 26.29 5.16 -26.49
C PRO B 251 27.38 4.22 -26.01
N THR B 252 28.55 4.19 -26.65
CA THR B 252 29.61 3.33 -26.13
C THR B 252 30.21 3.86 -24.84
N VAL B 253 29.81 5.06 -24.41
CA VAL B 253 30.30 5.59 -23.14
C VAL B 253 29.79 4.81 -21.94
N MET B 254 28.83 3.94 -22.17
CA MET B 254 28.38 3.11 -21.03
C MET B 254 27.72 1.84 -21.54
N THR B 255 27.80 0.79 -20.74
CA THR B 255 27.07 -0.45 -21.06
C THR B 255 25.64 -0.36 -20.57
N THR B 256 24.76 -1.09 -21.25
CA THR B 256 23.36 -1.15 -20.85
C THR B 256 22.90 -2.60 -20.82
N GLU B 257 21.81 -2.84 -20.08
CA GLU B 257 21.15 -4.14 -20.07
C GLU B 257 19.66 -3.92 -20.25
N GLN B 258 19.06 -4.70 -21.13
CA GLN B 258 17.67 -4.59 -21.48
C GLN B 258 16.90 -5.44 -20.47
N VAL B 259 16.13 -4.78 -19.60
CA VAL B 259 15.35 -5.47 -18.56
C VAL B 259 14.09 -4.67 -18.27
N PRO B 260 13.04 -5.35 -17.80
CA PRO B 260 11.83 -4.62 -17.41
C PRO B 260 12.09 -3.71 -16.23
N VAL B 261 11.49 -2.53 -16.25
CA VAL B 261 11.60 -1.60 -15.13
C VAL B 261 10.24 -0.97 -14.88
N ASP B 262 9.83 -0.96 -13.62
CA ASP B 262 8.57 -0.35 -13.23
C ASP B 262 8.82 0.47 -11.97
N ILE B 263 7.83 1.26 -11.57
CA ILE B 263 7.99 2.24 -10.52
C ILE B 263 7.06 1.86 -9.38
N GLU B 264 7.60 1.73 -8.17
CA GLU B 264 6.79 1.44 -6.99
C GLU B 264 6.13 2.73 -6.50
N LEU B 265 4.79 2.68 -6.31
CA LEU B 265 4.03 3.87 -5.87
C LEU B 265 3.44 3.78 -4.47
N ASN B 266 3.32 2.59 -3.90
CA ASN B 266 2.53 2.36 -2.70
C ASN B 266 3.36 2.05 -1.47
N GLY B 267 4.58 1.55 -1.65
CA GLY B 267 5.26 0.85 -0.56
C GLY B 267 5.68 1.79 0.56
N ALA B 268 5.61 1.30 1.80
CA ALA B 268 6.00 2.14 2.92
C ALA B 268 7.50 2.36 2.91
N LEU B 269 8.28 1.37 2.47
CA LEU B 269 9.74 1.52 2.42
C LEU B 269 10.31 1.79 1.03
N THR B 270 9.55 1.55 -0.03
CA THR B 270 10.11 1.45 -1.37
C THR B 270 9.43 2.38 -2.36
N THR B 271 8.56 3.30 -1.91
CA THR B 271 7.94 4.22 -2.87
C THR B 271 9.04 5.02 -3.57
N GLY B 272 8.92 5.12 -4.89
CA GLY B 272 9.96 5.78 -5.66
C GLY B 272 11.02 4.84 -6.19
N MET B 273 10.96 3.54 -5.85
CA MET B 273 12.01 2.63 -6.28
C MET B 273 11.80 2.32 -7.78
N THR B 274 12.87 2.30 -8.58
CA THR B 274 12.79 1.77 -9.93
C THR B 274 13.10 0.27 -9.83
N VAL B 275 12.07 -0.55 -9.97
CA VAL B 275 12.16 -2.01 -9.82
C VAL B 275 12.55 -2.60 -11.18
N ALA B 276 13.77 -3.10 -11.27
CA ALA B 276 14.27 -3.74 -12.49
C ALA B 276 14.25 -5.24 -12.31
N ASP B 277 13.79 -5.96 -13.32
CA ASP B 277 13.64 -7.42 -13.26
C ASP B 277 14.81 -8.05 -14.00
N PHE B 278 15.83 -8.47 -13.25
CA PHE B 278 17.00 -9.12 -13.82
C PHE B 278 16.85 -10.63 -13.91
N ARG B 279 15.68 -11.18 -13.58
CA ARG B 279 15.51 -12.64 -13.60
C ARG B 279 15.58 -13.20 -15.02
N TYR B 280 15.89 -14.50 -15.10
CA TYR B 280 15.79 -15.20 -16.36
C TYR B 280 14.53 -16.04 -16.41
N PRO B 281 13.91 -16.21 -17.58
CA PRO B 281 14.36 -15.67 -18.87
C PRO B 281 13.99 -14.19 -19.04
N ARG B 282 14.90 -13.45 -19.67
CA ARG B 282 14.62 -12.08 -20.06
C ARG B 282 13.59 -12.04 -21.18
N PRO B 283 12.76 -11.00 -21.24
CA PRO B 283 11.84 -10.85 -22.38
C PRO B 283 12.60 -10.52 -23.66
N LYS B 284 12.07 -11.01 -24.80
CA LYS B 284 12.71 -10.73 -26.09
C LYS B 284 12.47 -9.28 -26.51
N HIS B 285 11.30 -8.74 -26.21
CA HIS B 285 11.00 -7.35 -26.55
C HIS B 285 10.87 -6.58 -25.24
N CYS B 286 11.84 -5.71 -24.98
CA CYS B 286 11.85 -4.86 -23.81
C CYS B 286 12.16 -3.43 -24.21
N HIS B 287 11.26 -2.53 -23.92
CA HIS B 287 11.46 -1.14 -24.30
C HIS B 287 12.27 -0.36 -23.29
N THR B 288 12.59 -0.94 -22.14
CA THR B 288 13.43 -0.25 -21.15
C THR B 288 14.78 -0.90 -21.08
N GLN B 289 15.83 -0.10 -20.89
CA GLN B 289 17.16 -0.63 -20.58
C GLN B 289 17.77 0.23 -19.48
N VAL B 290 18.69 -0.36 -18.73
CA VAL B 290 19.34 0.32 -17.62
C VAL B 290 20.85 0.41 -17.89
N ALA B 291 21.43 1.56 -17.59
CA ALA B 291 22.86 1.73 -17.70
C ALA B 291 23.58 1.10 -16.53
N VAL B 292 24.76 0.50 -16.81
CA VAL B 292 25.49 -0.32 -15.85
C VAL B 292 26.91 0.20 -15.60
N LYS B 293 27.77 0.20 -16.62
CA LYS B 293 29.20 0.49 -16.42
C LYS B 293 29.63 1.69 -17.23
N LEU B 294 30.23 2.67 -16.57
CA LEU B 294 30.72 3.89 -17.22
C LEU B 294 32.17 3.74 -17.69
N ASP B 295 32.42 4.14 -18.93
CA ASP B 295 33.76 4.43 -19.47
C ASP B 295 34.19 5.79 -18.94
N PHE B 296 34.87 5.76 -17.79
CA PHE B 296 35.26 6.96 -17.05
C PHE B 296 36.06 7.91 -17.92
N ASP B 297 37.10 7.40 -18.57
CA ASP B 297 37.99 8.32 -19.29
C ASP B 297 37.25 8.96 -20.44
N LYS B 298 36.44 8.18 -21.17
CA LYS B 298 35.72 8.74 -22.30
C LYS B 298 34.69 9.77 -21.82
N PHE B 299 33.99 9.48 -20.73
CA PHE B 299 33.01 10.45 -20.23
C PHE B 299 33.70 11.77 -19.91
N TRP B 300 34.77 11.74 -19.11
CA TRP B 300 35.37 13.00 -18.71
C TRP B 300 36.06 13.70 -19.86
N CYS B 301 36.57 12.93 -20.82
CA CYS B 301 37.05 13.50 -22.08
CA CYS B 301 37.06 13.52 -22.06
C CYS B 301 35.94 14.28 -22.77
N LEU B 302 34.75 13.69 -22.87
CA LEU B 302 33.65 14.41 -23.53
C LEU B 302 33.32 15.70 -22.79
N VAL B 303 33.31 15.68 -21.47
CA VAL B 303 32.97 16.88 -20.72
C VAL B 303 34.02 17.97 -20.94
N ILE B 304 35.30 17.59 -20.88
CA ILE B 304 36.37 18.56 -21.06
C ILE B 304 36.37 19.12 -22.47
N ASP B 305 36.21 18.24 -23.46
CA ASP B 305 36.14 18.68 -24.85
C ASP B 305 35.00 19.68 -25.07
N ALA B 306 33.83 19.44 -24.47
CA ALA B 306 32.76 20.41 -24.61
C ALA B 306 33.13 21.75 -23.97
N LEU B 307 33.74 21.73 -22.79
CA LEU B 307 34.16 23.01 -22.19
C LEU B 307 35.16 23.73 -23.10
N LYS B 308 36.08 22.99 -23.72
CA LYS B 308 37.04 23.65 -24.62
C LYS B 308 36.35 24.19 -25.87
N ARG B 309 35.37 23.45 -26.39
CA ARG B 309 34.64 23.93 -27.55
C ARG B 309 33.84 25.19 -27.24
N ILE B 310 33.15 25.22 -26.10
CA ILE B 310 32.43 26.44 -25.74
C ILE B 310 33.41 27.59 -25.62
N GLY B 311 34.57 27.32 -25.05
CA GLY B 311 35.57 28.35 -24.91
C GLY B 311 35.03 29.45 -24.03
N ASP B 312 35.44 30.67 -24.34
CA ASP B 312 34.89 31.82 -23.66
C ASP B 312 33.89 32.43 -24.62
N PRO B 313 32.60 32.25 -24.42
CA PRO B 313 31.64 32.40 -25.52
C PRO B 313 31.37 33.87 -25.83
N GLN B 314 30.78 34.05 -27.00
CA GLN B 314 30.20 35.32 -27.43
C GLN B 314 29.17 35.82 -26.42
N PRO C 2 30.68 -28.04 20.14
CA PRO C 2 29.84 -27.76 18.97
C PRO C 2 28.77 -26.68 19.22
N ARG C 3 28.48 -25.90 18.17
CA ARG C 3 27.47 -24.85 18.29
C ARG C 3 26.08 -25.48 18.12
N LYS C 4 25.22 -25.32 19.11
CA LYS C 4 23.88 -25.87 19.08
C LYS C 4 22.99 -25.03 18.16
N ILE C 5 22.28 -25.67 17.24
CA ILE C 5 21.36 -24.98 16.34
C ILE C 5 20.00 -25.64 16.32
N ILE C 6 19.00 -24.87 15.94
CA ILE C 6 17.71 -25.40 15.56
C ILE C 6 17.54 -25.03 14.09
N LEU C 7 17.21 -26.02 13.28
CA LEU C 7 17.14 -25.83 11.83
C LEU C 7 15.65 -25.88 11.50
N ASP C 8 15.10 -24.73 11.15
CA ASP C 8 13.67 -24.59 10.88
C ASP C 8 13.54 -24.50 9.35
N CYS C 9 12.83 -25.43 8.71
CA CYS C 9 13.07 -25.62 7.29
C CYS C 9 11.82 -26.13 6.56
N ASP C 10 11.90 -26.24 5.23
CA ASP C 10 10.77 -26.68 4.42
C ASP C 10 11.23 -27.58 3.27
N PRO C 11 11.81 -28.73 3.60
CA PRO C 11 12.51 -29.51 2.57
C PRO C 11 11.56 -30.01 1.49
N GLY C 12 11.92 -29.82 0.22
CA GLY C 12 13.04 -28.97 -0.19
C GLY C 12 14.45 -29.58 -0.28
N ILE C 13 14.97 -29.70 -1.51
CA ILE C 13 16.30 -30.29 -1.70
C ILE C 13 17.39 -29.43 -1.04
N ASP C 14 17.28 -28.08 -1.13
CA ASP C 14 18.24 -27.21 -0.45
C ASP C 14 18.25 -27.48 1.04
N ASP C 15 17.05 -27.60 1.63
CA ASP C 15 16.99 -27.85 3.06
C ASP C 15 17.61 -29.21 3.39
N ALA C 16 17.39 -30.19 2.52
CA ALA C 16 18.00 -31.51 2.71
C ALA C 16 19.51 -31.41 2.80
N VAL C 17 20.12 -30.65 1.89
CA VAL C 17 21.58 -30.48 1.95
C VAL C 17 21.96 -29.72 3.21
N ALA C 18 21.14 -28.76 3.63
CA ALA C 18 21.44 -28.08 4.89
C ALA C 18 21.42 -29.06 6.07
N ILE C 19 20.47 -29.98 6.05
CA ILE C 19 20.36 -30.98 7.12
C ILE C 19 21.56 -31.91 7.10
N PHE C 20 21.93 -32.40 5.91
CA PHE C 20 23.12 -33.25 5.77
C PHE C 20 24.35 -32.54 6.32
N LEU C 21 24.52 -31.25 5.96
CA LEU C 21 25.70 -30.50 6.38
C LEU C 21 25.72 -30.31 7.88
N ALA C 22 24.59 -29.97 8.48
CA ALA C 22 24.53 -29.84 9.93
C ALA C 22 24.79 -31.18 10.62
N HIS C 23 24.24 -32.25 10.07
CA HIS C 23 24.42 -33.55 10.71
C HIS C 23 25.84 -34.07 10.54
N GLY C 24 26.52 -33.74 9.46
CA GLY C 24 27.81 -34.35 9.26
C GLY C 24 28.95 -33.50 9.78
N ASN C 25 28.70 -32.20 9.97
CA ASN C 25 29.89 -31.44 10.34
C ASN C 25 30.07 -31.40 11.85
N PRO C 26 31.32 -31.60 12.34
CA PRO C 26 31.55 -31.69 13.78
C PRO C 26 31.33 -30.41 14.55
N GLU C 27 31.31 -29.24 13.90
CA GLU C 27 31.23 -27.97 14.61
C GLU C 27 29.82 -27.59 15.01
N VAL C 28 28.79 -28.32 14.56
CA VAL C 28 27.43 -27.95 14.87
C VAL C 28 26.73 -29.15 15.46
N GLU C 29 25.77 -28.87 16.32
CA GLU C 29 24.95 -29.89 16.95
C GLU C 29 23.50 -29.51 16.69
N LEU C 30 22.79 -30.39 16.02
CA LEU C 30 21.36 -30.16 15.71
C LEU C 30 20.55 -30.47 16.97
N LEU C 31 19.90 -29.47 17.55
CA LEU C 31 18.97 -29.69 18.66
C LEU C 31 17.58 -30.13 18.18
N ALA C 32 17.22 -29.80 16.95
CA ALA C 32 15.87 -30.06 16.44
C ALA C 32 15.82 -29.72 14.97
N ILE C 33 14.91 -30.38 14.26
CA ILE C 33 14.55 -30.03 12.89
C ILE C 33 13.07 -29.69 12.94
N THR C 34 12.73 -28.46 12.63
CA THR C 34 11.33 -28.02 12.72
C THR C 34 10.88 -27.63 11.31
N THR C 35 9.62 -27.89 10.98
CA THR C 35 9.21 -27.66 9.58
C THR C 35 8.13 -26.58 9.52
N VAL C 36 8.03 -25.94 8.36
CA VAL C 36 7.08 -24.82 8.15
C VAL C 36 6.56 -24.91 6.72
N VAL C 37 5.28 -24.53 6.54
CA VAL C 37 4.70 -24.46 5.22
C VAL C 37 5.56 -23.58 4.29
N GLY C 38 5.63 -23.96 3.03
CA GLY C 38 6.15 -23.00 2.07
C GLY C 38 5.43 -23.08 0.73
N ASN C 39 6.24 -23.31 -0.30
CA ASN C 39 5.73 -23.64 -1.64
C ASN C 39 5.01 -24.98 -1.66
N GLN C 40 5.45 -25.94 -0.82
CA GLN C 40 4.78 -27.20 -0.57
C GLN C 40 4.08 -27.15 0.78
N THR C 41 3.09 -28.02 0.94
CA THR C 41 2.30 -27.96 2.16
C THR C 41 3.12 -28.37 3.38
N LEU C 42 2.63 -27.97 4.55
CA LEU C 42 3.35 -28.34 5.78
C LEU C 42 3.40 -29.87 5.85
N GLU C 43 2.29 -30.50 5.54
CA GLU C 43 2.24 -31.99 5.57
C GLU C 43 3.36 -32.57 4.69
N LYS C 44 3.50 -32.07 3.47
CA LYS C 44 4.44 -32.60 2.51
C LYS C 44 5.90 -32.37 2.97
N VAL C 45 6.22 -31.13 3.38
CA VAL C 45 7.62 -30.89 3.73
C VAL C 45 7.97 -31.63 5.01
N THR C 46 6.96 -31.92 5.86
CA THR C 46 7.22 -32.74 7.05
C THR C 46 7.51 -34.21 6.67
N ARG C 47 6.77 -34.76 5.70
CA ARG C 47 7.15 -36.07 5.17
C ARG C 47 8.56 -36.02 4.61
N ASN C 48 8.89 -34.93 3.90
CA ASN C 48 10.21 -34.81 3.32
C ASN C 48 11.30 -34.75 4.40
N ALA C 49 11.03 -34.04 5.49
CA ALA C 49 12.03 -33.93 6.54
C ALA C 49 12.30 -35.28 7.16
N ARG C 50 11.25 -36.05 7.40
CA ARG C 50 11.46 -37.39 7.96
C ARG C 50 12.21 -38.30 7.01
N LEU C 51 11.94 -38.15 5.70
CA LEU C 51 12.72 -38.88 4.70
C LEU C 51 14.21 -38.54 4.78
N VAL C 52 14.52 -37.24 4.80
CA VAL C 52 15.92 -36.80 4.90
C VAL C 52 16.54 -37.33 6.17
N ALA C 53 15.80 -37.26 7.28
CA ALA C 53 16.39 -37.71 8.54
C ALA C 53 16.69 -39.22 8.47
N ASP C 54 15.82 -39.98 7.82
CA ASP C 54 16.04 -41.43 7.66
C ASP C 54 17.29 -41.69 6.84
N VAL C 55 17.35 -41.07 5.66
CA VAL C 55 18.49 -41.22 4.76
C VAL C 55 19.79 -40.87 5.47
N ALA C 56 19.79 -39.80 6.28
CA ALA C 56 21.05 -39.42 6.91
C ALA C 56 21.32 -40.17 8.21
N GLY C 57 20.39 -41.03 8.64
CA GLY C 57 20.51 -41.73 9.91
C GLY C 57 20.55 -40.82 11.12
N ILE C 58 19.70 -39.81 11.17
CA ILE C 58 19.74 -38.82 12.24
C ILE C 58 18.86 -39.35 13.38
N VAL C 59 19.48 -39.68 14.51
CA VAL C 59 18.78 -40.20 15.68
C VAL C 59 18.95 -39.24 16.83
N GLY C 60 17.96 -39.22 17.71
CA GLY C 60 18.08 -38.41 18.92
C GLY C 60 17.84 -36.94 18.70
N VAL C 61 17.35 -36.56 17.51
CA VAL C 61 17.09 -35.17 17.17
C VAL C 61 15.59 -35.05 16.90
N PRO C 62 14.84 -34.34 17.73
CA PRO C 62 13.40 -34.25 17.48
C PRO C 62 13.11 -33.55 16.15
N VAL C 63 12.15 -34.10 15.42
CA VAL C 63 11.66 -33.54 14.17
C VAL C 63 10.21 -33.14 14.46
N ALA C 64 9.88 -31.86 14.30
CA ALA C 64 8.60 -31.35 14.77
C ALA C 64 7.95 -30.55 13.66
N ALA C 65 6.67 -30.80 13.42
CA ALA C 65 5.91 -30.06 12.41
C ALA C 65 5.42 -28.74 12.98
N GLY C 66 5.54 -27.67 12.16
CA GLY C 66 5.06 -26.38 12.58
C GLY C 66 3.87 -25.84 11.80
N CYS C 67 3.90 -24.52 11.56
CA CYS C 67 2.72 -23.76 11.13
C CYS C 67 2.24 -24.26 9.76
N THR C 68 0.92 -24.47 9.63
CA THR C 68 0.36 -24.97 8.37
C THR C 68 0.04 -23.84 7.39
N LYS C 69 0.02 -22.61 7.86
CA LYS C 69 -0.30 -21.44 7.05
C LYS C 69 0.62 -20.30 7.43
N PRO C 70 0.94 -19.42 6.48
CA PRO C 70 1.65 -18.18 6.82
C PRO C 70 0.77 -17.35 7.74
N LEU C 71 1.39 -16.37 8.42
CA LEU C 71 0.63 -15.57 9.38
C LEU C 71 -0.62 -14.96 8.74
N VAL C 72 -0.44 -14.21 7.65
CA VAL C 72 -1.50 -13.39 7.08
C VAL C 72 -1.78 -13.75 5.62
N ARG C 73 -0.73 -13.90 4.80
CA ARG C 73 -0.93 -14.16 3.37
CA ARG C 73 -0.93 -14.15 3.37
C ARG C 73 -1.51 -15.54 3.14
N GLY C 74 -2.28 -15.67 2.08
CA GLY C 74 -2.70 -16.99 1.62
C GLY C 74 -1.52 -17.79 1.04
N VAL C 75 -1.72 -19.10 0.84
CA VAL C 75 -0.61 -19.96 0.35
C VAL C 75 -0.41 -19.99 -1.16
N GLY C 83 6.92 -35.53 -12.74
CA GLY C 83 7.18 -36.87 -12.26
C GLY C 83 7.53 -36.95 -10.79
N GLU C 84 7.04 -35.99 -10.01
CA GLU C 84 7.29 -35.98 -8.58
C GLU C 84 6.51 -37.09 -7.87
N THR C 85 7.17 -37.65 -6.87
CA THR C 85 6.67 -38.75 -6.06
C THR C 85 6.65 -38.29 -4.62
N GLY C 86 7.63 -38.72 -3.83
CA GLY C 86 7.82 -38.19 -2.50
C GLY C 86 8.56 -36.88 -2.57
N MET C 87 9.89 -36.96 -2.60
CA MET C 87 10.74 -35.79 -2.70
C MET C 87 11.52 -35.86 -4.01
N GLY C 88 11.28 -34.89 -4.89
CA GLY C 88 11.74 -35.07 -6.25
C GLY C 88 11.13 -36.35 -6.80
N ASN C 89 11.99 -37.24 -7.29
CA ASN C 89 11.58 -38.56 -7.79
C ASN C 89 11.97 -39.69 -6.83
N VAL C 90 12.15 -39.40 -5.56
CA VAL C 90 12.40 -40.42 -4.54
C VAL C 90 11.10 -40.72 -3.83
N SER C 91 10.70 -41.97 -3.80
CA SER C 91 9.46 -42.34 -3.13
C SER C 91 9.68 -42.49 -1.62
N TYR C 92 8.63 -42.21 -0.85
CA TYR C 92 8.72 -42.41 0.60
C TYR C 92 8.77 -43.90 0.93
N PRO C 93 9.36 -44.28 2.06
CA PRO C 93 9.27 -45.69 2.52
C PRO C 93 7.88 -45.98 3.03
N PRO C 94 7.53 -47.26 3.27
CA PRO C 94 6.19 -47.54 3.82
C PRO C 94 5.96 -46.91 5.19
N GLU C 95 6.98 -46.90 6.03
CA GLU C 95 6.93 -46.21 7.32
C GLU C 95 8.28 -45.55 7.53
N PHE C 96 8.28 -44.36 8.11
CA PHE C 96 9.55 -43.73 8.38
C PHE C 96 10.18 -44.34 9.62
N LYS C 97 11.51 -44.47 9.60
CA LYS C 97 12.19 -44.75 10.86
C LYS C 97 12.07 -43.56 11.81
N THR C 98 12.23 -42.35 11.27
CA THR C 98 12.18 -41.15 12.12
C THR C 98 10.75 -40.80 12.50
N LYS C 99 10.50 -40.70 13.79
CA LYS C 99 9.19 -40.35 14.33
C LYS C 99 9.03 -38.85 14.50
N LEU C 100 7.77 -38.40 14.40
CA LEU C 100 7.40 -37.01 14.65
C LEU C 100 7.29 -36.71 16.13
N ASP C 101 7.95 -35.64 16.60
CA ASP C 101 7.71 -35.20 17.95
C ASP C 101 6.25 -34.79 18.02
N GLY C 102 5.65 -34.93 19.19
CA GLY C 102 4.24 -34.55 19.25
C GLY C 102 4.01 -33.09 19.43
N ARG C 103 5.05 -32.33 19.73
CA ARG C 103 4.88 -30.91 19.97
C ARG C 103 4.80 -30.17 18.64
N HIS C 104 4.06 -29.09 18.63
CA HIS C 104 4.18 -28.14 17.54
C HIS C 104 5.59 -27.56 17.51
N ALA C 105 6.10 -27.35 16.30
CA ALA C 105 7.43 -26.76 16.17
C ALA C 105 7.59 -25.50 17.03
N VAL C 106 6.55 -24.68 17.13
CA VAL C 106 6.68 -23.41 17.84
C VAL C 106 6.92 -23.66 19.32
N GLN C 107 6.25 -24.65 19.88
CA GLN C 107 6.43 -25.01 21.29
C GLN C 107 7.77 -25.70 21.52
N LEU C 108 8.22 -26.55 20.60
CA LEU C 108 9.56 -27.16 20.75
C LEU C 108 10.64 -26.08 20.75
N ILE C 109 10.56 -25.13 19.82
CA ILE C 109 11.52 -24.04 19.78
C ILE C 109 11.54 -23.32 21.12
N ILE C 110 10.36 -22.94 21.63
CA ILE C 110 10.32 -22.24 22.90
C ILE C 110 10.91 -23.12 24.01
N ASP C 111 10.52 -24.39 24.06
CA ASP C 111 10.97 -25.24 25.17
C ASP C 111 12.50 -25.37 25.17
N LEU C 112 13.08 -25.53 23.98
CA LEU C 112 14.52 -25.71 23.89
C LEU C 112 15.24 -24.45 24.30
N ILE C 113 14.76 -23.29 23.84
CA ILE C 113 15.48 -22.06 24.19
C ILE C 113 15.34 -21.76 25.67
N MET C 114 14.15 -21.97 26.24
CA MET C 114 13.93 -21.68 27.66
C MET C 114 14.60 -22.67 28.59
N SER C 115 14.89 -23.88 28.12
CA SER C 115 15.49 -24.89 29.00
C SER C 115 17.02 -24.92 28.93
N HIS C 116 17.62 -24.38 27.88
CA HIS C 116 19.07 -24.28 27.74
C HIS C 116 19.57 -22.94 28.25
N GLU C 117 20.87 -22.89 28.55
CA GLU C 117 21.45 -21.67 29.09
C GLU C 117 21.36 -20.55 28.06
N PRO C 118 21.25 -19.30 28.50
CA PRO C 118 21.17 -18.19 27.54
C PRO C 118 22.37 -18.15 26.62
N LYS C 119 22.11 -17.73 25.37
CA LYS C 119 23.13 -17.42 24.36
C LYS C 119 23.87 -18.65 23.87
N THR C 120 23.26 -19.83 23.92
CA THR C 120 23.89 -21.03 23.41
C THR C 120 23.20 -21.64 22.19
N ILE C 121 22.01 -21.18 21.79
CA ILE C 121 21.30 -21.78 20.65
C ILE C 121 21.24 -20.76 19.53
N THR C 122 21.65 -21.16 18.34
CA THR C 122 21.52 -20.34 17.14
C THR C 122 20.33 -20.87 16.32
N LEU C 123 19.39 -19.99 16.00
CA LEU C 123 18.32 -20.39 15.09
C LEU C 123 18.78 -20.28 13.67
N VAL C 124 18.50 -21.31 12.86
CA VAL C 124 18.90 -21.35 11.46
C VAL C 124 17.64 -21.64 10.67
N PRO C 125 16.84 -20.61 10.36
CA PRO C 125 15.70 -20.79 9.48
C PRO C 125 16.14 -20.83 8.03
N THR C 126 15.55 -21.79 7.27
CA THR C 126 15.78 -21.88 5.84
C THR C 126 14.46 -22.02 5.08
N GLY C 127 13.34 -21.71 5.76
CA GLY C 127 12.05 -21.59 5.08
C GLY C 127 11.40 -20.27 5.44
N GLY C 128 10.08 -20.15 5.21
CA GLY C 128 9.34 -19.02 5.71
C GLY C 128 9.55 -18.87 7.21
N LEU C 129 9.43 -17.65 7.72
CA LEU C 129 9.80 -17.34 9.09
C LEU C 129 8.62 -17.44 10.06
N THR C 130 7.55 -18.14 9.66
CA THR C 130 6.31 -18.21 10.43
C THR C 130 6.54 -18.82 11.83
N ASN C 131 7.24 -19.96 11.91
CA ASN C 131 7.43 -20.55 13.24
C ASN C 131 8.23 -19.62 14.14
N ILE C 132 9.28 -19.02 13.59
CA ILE C 132 10.14 -18.15 14.39
C ILE C 132 9.34 -16.98 14.91
N ALA C 133 8.53 -16.37 14.04
CA ALA C 133 7.75 -15.20 14.43
C ALA C 133 6.71 -15.57 15.46
N MET C 134 6.03 -16.72 15.27
CA MET C 134 5.07 -17.16 16.26
C MET C 134 5.75 -17.37 17.60
N ALA C 135 6.93 -18.00 17.61
CA ALA C 135 7.58 -18.27 18.90
C ALA C 135 7.95 -16.98 19.60
N VAL C 136 8.42 -15.99 18.83
CA VAL C 136 8.77 -14.68 19.37
C VAL C 136 7.54 -14.05 20.04
N ARG C 137 6.38 -14.11 19.39
CA ARG C 137 5.25 -13.41 19.96
C ARG C 137 4.60 -14.19 21.10
N LEU C 138 4.70 -15.50 21.06
CA LEU C 138 4.16 -16.32 22.15
C LEU C 138 5.05 -16.26 23.40
N GLU C 139 6.37 -16.25 23.23
CA GLU C 139 7.31 -16.24 24.37
C GLU C 139 8.39 -15.24 24.08
N PRO C 140 8.12 -13.96 24.31
CA PRO C 140 9.12 -12.90 24.05
C PRO C 140 10.46 -13.13 24.74
N ARG C 141 10.50 -13.88 25.84
CA ARG C 141 11.79 -14.10 26.49
C ARG C 141 12.76 -14.86 25.61
N ILE C 142 12.29 -15.56 24.58
CA ILE C 142 13.25 -16.25 23.74
C ILE C 142 14.15 -15.27 23.02
N VAL C 143 13.73 -14.04 22.80
CA VAL C 143 14.52 -13.20 21.90
C VAL C 143 15.89 -12.87 22.50
N ASP C 144 15.93 -12.44 23.75
CA ASP C 144 17.21 -12.17 24.40
C ASP C 144 17.98 -13.48 24.68
N ARG C 145 17.29 -14.62 24.70
CA ARG C 145 17.96 -15.86 25.09
C ARG C 145 18.69 -16.52 23.94
N VAL C 146 18.23 -16.28 22.70
CA VAL C 146 18.87 -16.82 21.51
C VAL C 146 20.22 -16.16 21.30
N LYS C 147 21.22 -16.96 20.91
CA LYS C 147 22.56 -16.40 20.62
C LYS C 147 22.50 -15.50 19.39
N GLU C 148 21.96 -16.02 18.29
CA GLU C 148 21.74 -15.20 17.10
C GLU C 148 20.88 -16.00 16.13
N VAL C 149 20.47 -15.33 15.05
CA VAL C 149 19.69 -15.96 13.99
C VAL C 149 20.52 -15.90 12.73
N VAL C 150 20.67 -17.01 12.05
CA VAL C 150 21.31 -17.04 10.76
C VAL C 150 20.31 -17.66 9.81
N LEU C 151 19.69 -16.84 8.95
CA LEU C 151 18.65 -17.37 8.08
C LEU C 151 19.09 -17.38 6.63
N MET C 152 18.63 -18.38 5.88
CA MET C 152 18.71 -18.32 4.43
C MET C 152 17.41 -17.71 3.96
N GLY C 153 17.49 -16.51 3.44
CA GLY C 153 16.29 -15.90 2.90
C GLY C 153 16.61 -14.48 2.52
N GLY C 154 15.73 -13.84 1.76
CA GLY C 154 15.97 -12.46 1.41
C GLY C 154 16.93 -12.32 0.26
N GLY C 155 17.19 -11.07 -0.10
CA GLY C 155 17.98 -10.73 -1.27
C GLY C 155 18.03 -9.22 -1.31
N TYR C 156 19.18 -8.62 -0.99
CA TYR C 156 19.20 -7.17 -0.95
C TYR C 156 19.24 -6.56 -2.36
N HIS C 157 19.80 -7.27 -3.33
CA HIS C 157 19.80 -6.84 -4.72
C HIS C 157 19.34 -7.94 -5.66
N THR C 158 18.59 -8.92 -5.19
CA THR C 158 18.26 -10.07 -6.01
C THR C 158 16.91 -10.61 -5.57
N GLY C 159 16.11 -11.08 -6.53
CA GLY C 159 14.85 -11.71 -6.24
C GLY C 159 14.69 -12.99 -7.03
N ASN C 160 13.80 -13.87 -6.52
CA ASN C 160 13.38 -14.98 -7.38
C ASN C 160 11.87 -15.10 -7.41
N ALA C 161 11.21 -14.97 -6.27
CA ALA C 161 9.75 -15.03 -6.24
C ALA C 161 9.12 -13.82 -6.92
N SER C 162 9.84 -12.72 -6.97
CA SER C 162 9.43 -11.51 -7.68
C SER C 162 10.71 -10.87 -8.17
N PRO C 163 10.67 -9.76 -8.90
CA PRO C 163 11.94 -9.10 -9.27
C PRO C 163 12.81 -8.78 -8.07
N VAL C 164 12.22 -8.56 -6.89
CA VAL C 164 13.00 -8.10 -5.74
C VAL C 164 12.83 -8.92 -4.48
N ALA C 165 11.94 -9.91 -4.47
CA ALA C 165 11.67 -10.67 -3.27
C ALA C 165 12.15 -12.10 -3.46
N GLU C 166 12.67 -12.67 -2.36
CA GLU C 166 13.05 -14.08 -2.26
C GLU C 166 11.92 -14.89 -1.62
N PHE C 167 11.80 -16.15 -2.05
CA PHE C 167 10.65 -17.00 -1.68
C PHE C 167 10.40 -17.06 -0.18
N ASN C 168 11.42 -17.33 0.62
CA ASN C 168 11.19 -17.47 2.06
C ASN C 168 10.57 -16.22 2.66
N VAL C 169 11.03 -15.04 2.25
CA VAL C 169 10.42 -13.84 2.81
C VAL C 169 9.05 -13.58 2.17
N PHE C 170 8.95 -13.81 0.86
CA PHE C 170 7.73 -13.51 0.11
C PHE C 170 6.54 -14.34 0.58
N VAL C 171 6.78 -15.59 1.01
CA VAL C 171 5.65 -16.44 1.40
CA VAL C 171 5.67 -16.45 1.40
C VAL C 171 5.05 -16.00 2.73
N ASP C 172 5.79 -15.27 3.56
CA ASP C 172 5.24 -14.74 4.81
C ASP C 172 6.00 -13.45 5.15
N PRO C 173 5.63 -12.35 4.50
CA PRO C 173 6.36 -11.10 4.73
C PRO C 173 6.20 -10.61 6.15
N GLU C 174 4.98 -10.74 6.70
CA GLU C 174 4.72 -10.35 8.07
C GLU C 174 5.64 -11.08 9.06
N ALA C 175 5.80 -12.41 8.90
CA ALA C 175 6.69 -13.13 9.84
C ALA C 175 8.14 -12.68 9.66
N ALA C 176 8.55 -12.44 8.41
CA ALA C 176 9.89 -11.85 8.24
C ALA C 176 10.01 -10.50 8.96
N HIS C 177 9.01 -9.63 8.82
CA HIS C 177 9.08 -8.33 9.47
C HIS C 177 9.23 -8.49 10.97
N ILE C 178 8.57 -9.51 11.55
CA ILE C 178 8.70 -9.75 12.98
C ILE C 178 10.15 -10.12 13.31
N VAL C 179 10.71 -11.05 12.54
CA VAL C 179 12.06 -11.56 12.86
C VAL C 179 13.12 -10.49 12.63
N PHE C 180 12.99 -9.70 11.56
CA PHE C 180 13.97 -8.65 11.32
C PHE C 180 13.83 -7.44 12.25
N ASN C 181 12.73 -7.26 12.95
CA ASN C 181 12.62 -6.09 13.80
C ASN C 181 12.73 -6.38 15.28
N GLU C 182 13.16 -7.59 15.66
CA GLU C 182 13.51 -7.88 17.05
C GLU C 182 14.94 -7.44 17.30
N SER C 183 15.33 -7.40 18.58
CA SER C 183 16.64 -6.82 18.90
C SER C 183 17.77 -7.83 18.76
N TRP C 184 17.49 -9.10 18.52
CA TRP C 184 18.55 -10.09 18.36
C TRP C 184 19.37 -9.88 17.09
N ASN C 185 20.55 -10.51 17.07
CA ASN C 185 21.45 -10.41 15.94
C ASN C 185 21.02 -11.36 14.82
N VAL C 186 20.85 -10.79 13.63
CA VAL C 186 20.40 -11.53 12.47
C VAL C 186 21.43 -11.43 11.36
N THR C 187 21.77 -12.56 10.79
CA THR C 187 22.59 -12.65 9.60
C THR C 187 21.70 -13.16 8.48
N MET C 188 21.55 -12.38 7.42
CA MET C 188 20.68 -12.74 6.31
C MET C 188 21.56 -13.26 5.21
N VAL C 189 21.53 -14.57 4.98
CA VAL C 189 22.21 -15.21 3.87
C VAL C 189 21.19 -15.26 2.74
N GLY C 190 21.19 -14.22 1.90
CA GLY C 190 20.20 -14.08 0.85
C GLY C 190 20.71 -14.53 -0.49
N LEU C 191 19.89 -14.27 -1.51
CA LEU C 191 20.21 -14.70 -2.87
C LEU C 191 21.50 -14.08 -3.42
N ASP C 192 21.87 -12.89 -2.97
CA ASP C 192 23.13 -12.31 -3.43
C ASP C 192 24.31 -13.19 -3.07
N LEU C 193 24.27 -13.82 -1.90
CA LEU C 193 25.26 -14.82 -1.53
C LEU C 193 24.99 -16.15 -2.21
N THR C 194 23.77 -16.69 -2.06
CA THR C 194 23.58 -18.09 -2.43
C THR C 194 23.61 -18.33 -3.93
N HIS C 195 23.38 -17.31 -4.76
CA HIS C 195 23.45 -17.58 -6.20
C HIS C 195 24.86 -18.01 -6.61
N GLN C 196 25.84 -17.84 -5.73
CA GLN C 196 27.23 -18.24 -5.94
C GLN C 196 27.53 -19.69 -5.58
N ALA C 197 26.66 -20.36 -4.78
CA ALA C 197 26.91 -21.74 -4.38
C ALA C 197 26.58 -22.66 -5.53
N LEU C 198 27.27 -22.51 -6.66
CA LEU C 198 26.93 -23.26 -7.86
C LEU C 198 27.33 -24.73 -7.71
N ALA C 199 26.46 -25.63 -8.18
CA ALA C 199 26.76 -27.06 -8.16
C ALA C 199 27.29 -27.46 -9.53
N THR C 200 28.53 -27.05 -9.78
CA THR C 200 29.16 -27.25 -11.08
C THR C 200 29.38 -28.75 -11.34
N PRO C 201 29.58 -29.13 -12.61
CA PRO C 201 29.90 -30.54 -12.88
C PRO C 201 31.09 -31.06 -12.09
N ALA C 202 32.07 -30.20 -11.77
CA ALA C 202 33.18 -30.63 -10.94
C ALA C 202 32.71 -31.03 -9.55
N VAL C 203 31.92 -30.14 -8.92
CA VAL C 203 31.36 -30.40 -7.60
C VAL C 203 30.50 -31.65 -7.64
N GLN C 204 29.60 -31.76 -8.65
CA GLN C 204 28.67 -32.88 -8.71
C GLN C 204 29.42 -34.19 -8.83
N LYS C 205 30.47 -34.22 -9.65
CA LYS C 205 31.28 -35.42 -9.72
C LYS C 205 31.91 -35.77 -8.38
N ARG C 206 32.47 -34.76 -7.67
CA ARG C 206 33.03 -35.03 -6.34
C ARG C 206 31.98 -35.57 -5.36
N VAL C 207 30.78 -34.99 -5.38
CA VAL C 207 29.70 -35.51 -4.54
C VAL C 207 29.41 -36.96 -4.91
N LYS C 208 29.34 -37.25 -6.21
CA LYS C 208 29.09 -38.62 -6.67
C LYS C 208 30.15 -39.57 -6.14
N GLU C 209 31.42 -39.16 -6.17
CA GLU C 209 32.53 -40.01 -5.71
C GLU C 209 32.48 -40.28 -4.22
N VAL C 210 31.78 -39.45 -3.44
CA VAL C 210 31.58 -39.84 -2.04
C VAL C 210 30.99 -41.25 -1.94
N GLY C 211 30.10 -41.61 -2.88
CA GLY C 211 29.65 -42.97 -3.05
C GLY C 211 28.66 -43.52 -2.04
N THR C 212 28.07 -42.67 -1.19
CA THR C 212 27.11 -43.09 -0.18
C THR C 212 25.67 -42.92 -0.68
N LYS C 213 24.71 -43.48 0.10
CA LYS C 213 23.30 -43.28 -0.23
C LYS C 213 22.93 -41.81 -0.09
N PRO C 214 23.28 -41.10 0.99
CA PRO C 214 22.92 -39.68 1.03
C PRO C 214 23.48 -38.90 -0.15
N ALA C 215 24.68 -39.24 -0.63
CA ALA C 215 25.25 -38.51 -1.75
C ALA C 215 24.44 -38.75 -3.02
N ALA C 216 24.06 -40.00 -3.27
CA ALA C 216 23.24 -40.31 -4.44
C ALA C 216 21.86 -39.68 -4.31
N PHE C 217 21.33 -39.64 -3.10
CA PHE C 217 20.04 -39.01 -2.83
C PHE C 217 20.10 -37.52 -3.17
N MET C 218 21.13 -36.85 -2.68
CA MET C 218 21.28 -35.43 -2.98
C MET C 218 21.42 -35.20 -4.49
N LEU C 219 22.23 -36.01 -5.17
CA LEU C 219 22.47 -35.76 -6.59
C LEU C 219 21.22 -36.06 -7.40
N GLN C 220 20.51 -37.13 -7.06
CA GLN C 220 19.34 -37.50 -7.82
C GLN C 220 18.26 -36.43 -7.72
N ILE C 221 18.01 -35.94 -6.50
CA ILE C 221 16.92 -34.97 -6.37
C ILE C 221 17.33 -33.61 -6.91
N LEU C 222 18.58 -33.21 -6.67
CA LEU C 222 19.03 -31.94 -7.21
C LEU C 222 18.91 -31.97 -8.73
N ASP C 223 19.24 -33.09 -9.37
CA ASP C 223 19.13 -33.16 -10.82
C ASP C 223 17.69 -33.02 -11.28
N PHE C 224 16.78 -33.72 -10.61
CA PHE C 224 15.36 -33.59 -10.90
C PHE C 224 14.96 -32.10 -10.93
N TYR C 225 15.20 -31.38 -9.83
CA TYR C 225 14.72 -29.99 -9.75
C TYR C 225 15.52 -29.03 -10.62
N THR C 226 16.75 -29.39 -10.99
CA THR C 226 17.52 -28.59 -11.93
C THR C 226 16.90 -28.62 -13.32
N LYS C 227 16.51 -29.81 -13.78
CA LYS C 227 15.78 -29.85 -15.04
C LYS C 227 14.47 -29.07 -14.96
N VAL C 228 13.68 -29.29 -13.91
CA VAL C 228 12.36 -28.62 -13.88
C VAL C 228 12.48 -27.09 -13.84
N TYR C 229 13.51 -26.56 -13.18
CA TYR C 229 13.72 -25.13 -13.04
C TYR C 229 15.00 -24.68 -13.73
N GLU C 230 15.07 -24.81 -15.06
CA GLU C 230 16.28 -24.42 -15.76
C GLU C 230 16.08 -23.28 -16.77
N LYS C 231 14.85 -22.99 -17.19
CA LYS C 231 14.66 -21.74 -17.91
C LYS C 231 14.78 -20.52 -17.02
N GLU C 232 14.52 -20.65 -15.72
CA GLU C 232 14.74 -19.60 -14.74
C GLU C 232 16.21 -19.42 -14.39
N ARG C 233 17.11 -20.09 -15.10
CA ARG C 233 18.52 -19.99 -14.82
C ARG C 233 19.27 -19.58 -16.08
N ASN C 234 20.36 -18.83 -15.88
CA ASN C 234 21.31 -18.55 -16.93
C ASN C 234 22.59 -19.39 -16.81
N THR C 235 22.68 -20.23 -15.78
CA THR C 235 23.87 -21.05 -15.53
C THR C 235 23.43 -22.30 -14.74
N TYR C 236 24.39 -22.97 -14.10
CA TYR C 236 24.15 -24.24 -13.40
C TYR C 236 23.22 -24.07 -12.19
N ALA C 237 22.81 -25.23 -11.66
CA ALA C 237 21.98 -25.31 -10.46
C ALA C 237 22.73 -24.87 -9.20
N THR C 238 21.98 -24.29 -8.27
CA THR C 238 22.49 -23.66 -7.07
C THR C 238 21.91 -24.35 -5.84
N VAL C 239 22.71 -24.43 -4.77
CA VAL C 239 22.18 -24.80 -3.45
C VAL C 239 22.13 -23.53 -2.61
N HIS C 240 21.09 -23.38 -1.80
CA HIS C 240 20.89 -22.16 -1.05
C HIS C 240 21.05 -22.42 0.43
N ASP C 241 20.12 -23.16 1.05
CA ASP C 241 20.02 -23.27 2.51
C ASP C 241 21.29 -23.72 3.23
N PRO C 242 22.08 -24.66 2.73
CA PRO C 242 23.27 -25.06 3.47
C PRO C 242 24.22 -23.89 3.71
N CYS C 243 24.16 -22.84 2.88
CA CYS C 243 25.04 -21.69 3.12
C CYS C 243 24.82 -21.08 4.50
N ALA C 244 23.57 -21.08 5.02
CA ALA C 244 23.40 -20.56 6.38
C ALA C 244 24.05 -21.48 7.42
N VAL C 245 23.89 -22.79 7.26
CA VAL C 245 24.59 -23.70 8.14
C VAL C 245 26.10 -23.51 8.00
N ALA C 246 26.59 -23.33 6.76
CA ALA C 246 28.03 -23.14 6.59
C ALA C 246 28.51 -21.96 7.41
N TYR C 247 27.72 -20.87 7.45
CA TYR C 247 28.13 -19.70 8.20
C TYR C 247 28.29 -20.01 9.67
N VAL C 248 27.40 -20.85 10.21
CA VAL C 248 27.51 -21.18 11.62
C VAL C 248 28.77 -22.01 11.85
N ILE C 249 29.10 -22.87 10.89
CA ILE C 249 30.28 -23.75 11.03
C ILE C 249 31.57 -22.92 11.00
N ASP C 250 31.68 -22.05 10.01
CA ASP C 250 32.90 -21.25 9.82
C ASP C 250 32.49 -19.92 9.24
N PRO C 251 32.32 -18.90 10.07
CA PRO C 251 31.91 -17.58 9.55
C PRO C 251 32.85 -17.06 8.46
N THR C 252 34.07 -17.56 8.34
CA THR C 252 34.92 -17.01 7.29
C THR C 252 34.60 -17.58 5.93
N VAL C 253 33.63 -18.50 5.86
CA VAL C 253 33.19 -19.01 4.57
C VAL C 253 32.48 -17.97 3.72
N MET C 254 32.11 -16.84 4.30
CA MET C 254 31.48 -15.80 3.49
C MET C 254 31.73 -14.46 4.15
N THR C 255 31.79 -13.40 3.34
CA THR C 255 31.91 -12.06 3.90
C THR C 255 30.52 -11.53 4.27
N THR C 256 30.48 -10.65 5.27
CA THR C 256 29.24 -9.98 5.68
C THR C 256 29.45 -8.46 5.77
N GLU C 257 28.35 -7.72 5.74
CA GLU C 257 28.34 -6.26 5.93
C GLU C 257 27.18 -5.95 6.86
N GLN C 258 27.42 -5.18 7.92
CA GLN C 258 26.40 -4.70 8.86
C GLN C 258 25.67 -3.53 8.22
N VAL C 259 24.39 -3.73 7.88
CA VAL C 259 23.53 -2.67 7.34
C VAL C 259 22.12 -2.88 7.84
N PRO C 260 21.36 -1.79 7.95
CA PRO C 260 19.96 -1.92 8.38
C PRO C 260 19.18 -2.69 7.32
N VAL C 261 18.31 -3.62 7.77
CA VAL C 261 17.50 -4.41 6.84
C VAL C 261 16.07 -4.43 7.36
N ASP C 262 15.12 -4.03 6.51
CA ASP C 262 13.70 -4.04 6.90
C ASP C 262 12.92 -4.79 5.83
N ILE C 263 11.65 -5.10 6.11
CA ILE C 263 10.82 -5.91 5.22
C ILE C 263 9.64 -5.06 4.74
N GLU C 264 9.46 -5.02 3.42
CA GLU C 264 8.36 -4.27 2.83
C GLU C 264 7.10 -5.11 2.93
N LEU C 265 6.03 -4.52 3.45
CA LEU C 265 4.77 -5.27 3.57
C LEU C 265 3.68 -4.72 2.70
N ASN C 266 3.80 -3.50 2.21
CA ASN C 266 2.62 -2.96 1.53
C ASN C 266 2.93 -2.39 0.15
N GLY C 267 3.96 -2.90 -0.51
CA GLY C 267 4.31 -2.42 -1.81
C GLY C 267 3.52 -3.13 -2.89
N ALA C 268 3.11 -2.36 -3.90
CA ALA C 268 2.47 -2.94 -5.07
C ALA C 268 3.41 -3.91 -5.78
N LEU C 269 4.68 -3.50 -5.98
CA LEU C 269 5.64 -4.34 -6.68
C LEU C 269 6.65 -4.99 -5.75
N THR C 270 6.80 -4.49 -4.54
CA THR C 270 7.96 -4.80 -3.71
C THR C 270 7.60 -5.50 -2.42
N THR C 271 6.35 -5.95 -2.24
CA THR C 271 6.04 -6.69 -1.00
C THR C 271 6.93 -7.92 -0.90
N GLY C 272 7.51 -8.11 0.28
CA GLY C 272 8.44 -9.21 0.51
C GLY C 272 9.91 -8.88 0.27
N MET C 273 10.23 -7.66 -0.17
CA MET C 273 11.62 -7.27 -0.33
C MET C 273 12.30 -7.04 1.01
N THR C 274 13.53 -7.58 1.16
CA THR C 274 14.43 -7.20 2.23
C THR C 274 15.16 -5.95 1.79
N VAL C 275 14.75 -4.82 2.34
CA VAL C 275 15.30 -3.51 1.97
C VAL C 275 16.51 -3.25 2.84
N ALA C 276 17.69 -3.29 2.23
CA ALA C 276 18.95 -3.06 2.91
C ALA C 276 19.46 -1.65 2.61
N ASP C 277 19.76 -0.88 3.65
CA ASP C 277 20.21 0.51 3.47
C ASP C 277 21.73 0.53 3.41
N PHE C 278 22.32 0.56 2.20
CA PHE C 278 23.78 0.63 2.05
C PHE C 278 24.33 2.06 2.05
N ARG C 279 23.49 3.06 2.28
CA ARG C 279 23.90 4.46 2.18
C ARG C 279 24.85 4.82 3.30
N TYR C 280 25.67 5.86 3.04
CA TYR C 280 26.56 6.41 4.05
C TYR C 280 25.99 7.71 4.59
N PRO C 281 26.17 8.02 5.88
CA PRO C 281 26.97 7.28 6.86
C PRO C 281 26.24 6.04 7.40
N ARG C 282 26.97 4.94 7.59
CA ARG C 282 26.38 3.76 8.18
C ARG C 282 26.01 4.03 9.64
N PRO C 283 25.00 3.36 10.17
CA PRO C 283 24.53 3.68 11.53
C PRO C 283 25.54 3.26 12.60
N LYS C 284 25.33 3.85 13.78
CA LYS C 284 26.10 3.51 14.99
C LYS C 284 26.04 2.03 15.31
N HIS C 285 24.82 1.50 15.49
CA HIS C 285 24.58 0.12 15.86
C HIS C 285 23.73 -0.52 14.79
N CYS C 286 24.03 -1.78 14.50
CA CYS C 286 23.24 -2.55 13.57
CA CYS C 286 23.28 -2.56 13.54
C CYS C 286 23.13 -3.96 14.13
N HIS C 287 21.91 -4.44 14.30
CA HIS C 287 21.76 -5.82 14.74
C HIS C 287 21.55 -6.76 13.57
N THR C 288 21.57 -6.28 12.33
CA THR C 288 21.47 -7.12 11.17
C THR C 288 22.69 -6.95 10.28
N GLN C 289 23.02 -8.02 9.57
CA GLN C 289 24.10 -8.00 8.60
C GLN C 289 23.71 -8.92 7.45
N VAL C 290 24.23 -8.63 6.27
CA VAL C 290 23.95 -9.39 5.07
C VAL C 290 25.20 -10.07 4.59
N ALA C 291 25.04 -11.26 4.03
CA ALA C 291 26.17 -11.97 3.46
C ALA C 291 26.41 -11.52 2.02
N VAL C 292 27.69 -11.37 1.65
CA VAL C 292 28.00 -10.87 0.31
C VAL C 292 28.72 -11.89 -0.57
N LYS C 293 29.95 -12.27 -0.23
CA LYS C 293 30.75 -13.12 -1.11
C LYS C 293 31.08 -14.45 -0.46
N LEU C 294 30.92 -15.51 -1.23
CA LEU C 294 31.09 -16.88 -0.74
C LEU C 294 32.51 -17.37 -1.03
N ASP C 295 33.09 -18.05 -0.06
CA ASP C 295 34.29 -18.85 -0.34
C ASP C 295 33.85 -20.16 -1.02
N PHE C 296 33.84 -20.18 -2.36
CA PHE C 296 33.23 -21.28 -3.08
C PHE C 296 33.88 -22.63 -2.74
N ASP C 297 35.20 -22.69 -2.79
CA ASP C 297 35.87 -23.97 -2.58
C ASP C 297 35.71 -24.45 -1.14
N LYS C 298 35.76 -23.54 -0.16
CA LYS C 298 35.60 -23.96 1.23
C LYS C 298 34.17 -24.41 1.52
N PHE C 299 33.18 -23.69 0.97
CA PHE C 299 31.80 -24.15 1.10
C PHE C 299 31.64 -25.57 0.57
N TRP C 300 32.09 -25.82 -0.66
CA TRP C 300 31.82 -27.16 -1.21
C TRP C 300 32.68 -28.22 -0.53
N CYS C 301 33.87 -27.84 -0.05
CA CYS C 301 34.65 -28.78 0.76
C CYS C 301 33.89 -29.18 2.02
N LEU C 302 33.25 -28.20 2.67
CA LEU C 302 32.49 -28.51 3.87
C LEU C 302 31.31 -29.43 3.57
N VAL C 303 30.63 -29.20 2.44
CA VAL C 303 29.49 -30.08 2.10
C VAL C 303 29.97 -31.51 1.85
N ILE C 304 31.02 -31.65 1.03
CA ILE C 304 31.48 -32.99 0.69
C ILE C 304 32.04 -33.69 1.93
N ASP C 305 32.72 -32.95 2.81
CA ASP C 305 33.21 -33.53 4.06
C ASP C 305 32.07 -34.03 4.94
N ALA C 306 30.96 -33.27 5.03
CA ALA C 306 29.85 -33.74 5.85
C ALA C 306 29.29 -35.02 5.28
N LEU C 307 29.20 -35.10 3.95
CA LEU C 307 28.73 -36.33 3.31
C LEU C 307 29.67 -37.51 3.58
N LYS C 308 30.99 -37.28 3.59
CA LYS C 308 31.90 -38.40 3.92
C LYS C 308 31.77 -38.83 5.37
N ARG C 309 31.64 -37.86 6.29
CA ARG C 309 31.52 -38.20 7.71
C ARG C 309 30.24 -38.96 8.01
N ILE C 310 29.15 -38.63 7.29
CA ILE C 310 27.90 -39.36 7.47
C ILE C 310 28.03 -40.79 6.97
N GLY C 311 28.67 -40.98 5.82
CA GLY C 311 28.83 -42.35 5.38
C GLY C 311 27.50 -42.96 4.94
N ASP C 312 27.38 -44.29 5.10
CA ASP C 312 26.15 -45.04 4.88
C ASP C 312 25.62 -45.52 6.22
N PRO C 313 24.68 -44.80 6.83
CA PRO C 313 24.23 -45.09 8.20
C PRO C 313 23.37 -46.34 8.27
N PRO D 2 -26.39 -23.09 29.79
CA PRO D 2 -25.81 -21.77 29.44
C PRO D 2 -24.87 -21.86 28.22
N ARG D 3 -24.58 -20.72 27.61
CA ARG D 3 -23.61 -20.74 26.52
C ARG D 3 -22.22 -20.46 27.05
N LYS D 4 -21.31 -21.39 26.84
CA LYS D 4 -19.95 -21.23 27.32
C LYS D 4 -19.19 -20.20 26.47
N ILE D 5 -18.50 -19.26 27.13
CA ILE D 5 -17.75 -18.24 26.40
C ILE D 5 -16.36 -18.14 26.97
N ILE D 6 -15.42 -17.73 26.12
CA ILE D 6 -14.12 -17.20 26.55
C ILE D 6 -14.14 -15.70 26.28
N LEU D 7 -13.86 -14.91 27.31
CA LEU D 7 -13.88 -13.47 27.21
C LEU D 7 -12.43 -13.01 27.12
N ASP D 8 -12.04 -12.51 25.94
CA ASP D 8 -10.68 -12.05 25.64
C ASP D 8 -10.67 -10.53 25.61
N CYS D 9 -9.99 -9.89 26.58
CA CYS D 9 -10.27 -8.48 26.80
C CYS D 9 -9.01 -7.73 27.23
N ASP D 10 -9.15 -6.41 27.37
CA ASP D 10 -8.00 -5.55 27.73
C ASP D 10 -8.51 -4.47 28.69
N PRO D 11 -8.93 -4.87 29.88
CA PRO D 11 -9.69 -3.94 30.75
C PRO D 11 -8.81 -2.80 31.26
N GLY D 12 -9.29 -1.56 31.12
CA GLY D 12 -10.45 -1.20 30.30
C GLY D 12 -11.79 -1.17 31.02
N ILE D 13 -12.38 0.01 31.11
CA ILE D 13 -13.65 0.19 31.86
C ILE D 13 -14.80 -0.60 31.23
N ASP D 14 -14.97 -0.48 29.93
CA ASP D 14 -16.03 -1.28 29.36
C ASP D 14 -15.73 -2.78 29.37
N ASP D 15 -14.48 -3.22 29.23
CA ASP D 15 -14.21 -4.65 29.44
C ASP D 15 -14.70 -5.08 30.82
N ALA D 16 -14.51 -4.23 31.82
CA ALA D 16 -14.98 -4.57 33.16
C ALA D 16 -16.48 -4.79 33.20
N VAL D 17 -17.23 -3.91 32.52
CA VAL D 17 -18.69 -4.08 32.49
C VAL D 17 -19.07 -5.37 31.77
N ALA D 18 -18.34 -5.69 30.69
CA ALA D 18 -18.57 -6.97 30.02
C ALA D 18 -18.31 -8.16 30.97
N ILE D 19 -17.22 -8.12 31.74
CA ILE D 19 -16.92 -9.19 32.70
C ILE D 19 -18.05 -9.31 33.71
N PHE D 20 -18.58 -8.17 34.17
CA PHE D 20 -19.71 -8.21 35.09
C PHE D 20 -20.94 -8.84 34.44
N LEU D 21 -21.24 -8.42 33.21
CA LEU D 21 -22.40 -8.98 32.52
C LEU D 21 -22.25 -10.48 32.31
N ALA D 22 -21.08 -10.90 31.83
CA ALA D 22 -20.90 -12.33 31.51
C ALA D 22 -20.97 -13.16 32.78
N HIS D 23 -20.43 -12.64 33.89
CA HIS D 23 -20.47 -13.37 35.16
C HIS D 23 -21.87 -13.40 35.75
N GLY D 24 -22.51 -12.24 35.87
CA GLY D 24 -23.79 -12.18 36.54
C GLY D 24 -24.95 -12.77 35.75
N ASN D 25 -24.86 -12.79 34.42
CA ASN D 25 -26.01 -13.32 33.70
C ASN D 25 -25.95 -14.85 33.64
N PRO D 26 -27.06 -15.55 33.91
CA PRO D 26 -27.03 -17.03 33.96
C PRO D 26 -27.03 -17.70 32.60
N GLU D 27 -27.33 -16.99 31.51
CA GLU D 27 -27.38 -17.62 30.20
C GLU D 27 -26.00 -17.82 29.57
N VAL D 28 -24.94 -17.20 30.09
CA VAL D 28 -23.58 -17.44 29.62
C VAL D 28 -22.77 -17.95 30.79
N GLU D 29 -21.85 -18.86 30.50
CA GLU D 29 -20.88 -19.39 31.44
C GLU D 29 -19.48 -18.92 31.00
N LEU D 30 -18.85 -18.15 31.85
CA LEU D 30 -17.46 -17.73 31.61
C LEU D 30 -16.55 -18.93 31.81
N LEU D 31 -15.84 -19.36 30.79
CA LEU D 31 -14.84 -20.41 30.96
C LEU D 31 -13.46 -19.85 31.26
N ALA D 32 -13.16 -18.62 30.82
CA ALA D 32 -11.88 -17.98 31.08
C ALA D 32 -12.01 -16.49 30.78
N ILE D 33 -11.13 -15.72 31.40
CA ILE D 33 -10.89 -14.32 31.08
C ILE D 33 -9.45 -14.29 30.60
N THR D 34 -9.23 -13.98 29.33
CA THR D 34 -7.89 -13.88 28.79
C THR D 34 -7.63 -12.40 28.48
N THR D 35 -6.38 -11.94 28.65
CA THR D 35 -6.08 -10.54 28.43
C THR D 35 -5.09 -10.38 27.27
N VAL D 36 -5.14 -9.19 26.65
CA VAL D 36 -4.29 -8.88 25.51
C VAL D 36 -3.86 -7.44 25.62
N VAL D 37 -2.66 -7.14 25.12
CA VAL D 37 -2.18 -5.76 25.05
C VAL D 37 -3.16 -4.91 24.25
N GLY D 38 -3.33 -3.67 24.69
CA GLY D 38 -4.25 -2.78 24.02
C GLY D 38 -3.74 -1.36 24.11
N ASN D 39 -4.60 -0.55 24.64
CA ASN D 39 -4.28 0.86 24.95
C ASN D 39 -3.90 0.95 26.43
N GLN D 40 -3.50 -0.16 26.99
CA GLN D 40 -2.72 -0.27 28.22
C GLN D 40 -1.84 -1.50 28.03
N THR D 41 -0.72 -1.51 28.69
CA THR D 41 0.21 -2.65 28.51
C THR D 41 -0.47 -3.95 28.96
N LEU D 42 0.06 -5.07 28.51
CA LEU D 42 -0.52 -6.35 28.96
C LEU D 42 -0.44 -6.43 30.49
N GLU D 43 0.71 -6.08 31.07
CA GLU D 43 0.82 -6.12 32.53
C GLU D 43 -0.34 -5.35 33.21
N LYS D 44 -0.64 -4.14 32.73
CA LYS D 44 -1.64 -3.30 33.39
C LYS D 44 -3.05 -3.84 33.20
N VAL D 45 -3.39 -4.28 31.99
CA VAL D 45 -4.75 -4.80 31.80
C VAL D 45 -4.90 -6.12 32.53
N THR D 46 -3.82 -6.87 32.72
CA THR D 46 -3.91 -8.12 33.45
C THR D 46 -4.13 -7.85 34.94
N ARG D 47 -3.44 -6.85 35.47
CA ARG D 47 -3.74 -6.43 36.84
C ARG D 47 -5.21 -5.99 36.97
N ASN D 48 -5.70 -5.24 35.97
CA ASN D 48 -7.09 -4.78 35.99
C ASN D 48 -8.08 -5.93 35.92
N ALA D 49 -7.77 -6.97 35.14
CA ALA D 49 -8.67 -8.11 35.05
C ALA D 49 -8.76 -8.83 36.38
N ARG D 50 -7.63 -8.98 37.06
CA ARG D 50 -7.68 -9.58 38.41
C ARG D 50 -8.48 -8.70 39.36
N LEU D 51 -8.32 -7.37 39.27
CA LEU D 51 -9.13 -6.47 40.10
C LEU D 51 -10.62 -6.62 39.86
N VAL D 52 -11.05 -6.66 38.60
CA VAL D 52 -12.47 -6.83 38.28
C VAL D 52 -12.99 -8.17 38.78
N ALA D 53 -12.17 -9.24 38.64
CA ALA D 53 -12.56 -10.56 39.10
C ALA D 53 -12.71 -10.60 40.62
N ASP D 54 -11.81 -9.91 41.34
CA ASP D 54 -11.97 -9.77 42.79
C ASP D 54 -13.29 -9.09 43.13
N VAL D 55 -13.54 -7.91 42.53
CA VAL D 55 -14.75 -7.14 42.87
C VAL D 55 -16.01 -7.94 42.60
N ALA D 56 -16.05 -8.69 41.48
CA ALA D 56 -17.25 -9.46 41.19
C ALA D 56 -17.25 -10.83 41.87
N GLY D 57 -16.19 -11.16 42.61
CA GLY D 57 -16.09 -12.46 43.27
C GLY D 57 -16.11 -13.62 42.32
N ILE D 58 -15.41 -13.49 41.20
CA ILE D 58 -15.38 -14.56 40.21
C ILE D 58 -14.39 -15.61 40.66
N VAL D 59 -14.90 -16.79 41.06
CA VAL D 59 -14.06 -17.91 41.42
C VAL D 59 -14.22 -19.03 40.39
N GLY D 60 -13.18 -19.85 40.28
CA GLY D 60 -13.26 -21.02 39.42
C GLY D 60 -13.10 -20.72 37.94
N VAL D 61 -12.76 -19.48 37.61
CA VAL D 61 -12.57 -19.03 36.25
C VAL D 61 -11.12 -18.62 36.04
N PRO D 62 -10.36 -19.35 35.26
CA PRO D 62 -8.96 -18.96 35.03
C PRO D 62 -8.85 -17.60 34.36
N VAL D 63 -7.87 -16.82 34.83
CA VAL D 63 -7.51 -15.50 34.29
C VAL D 63 -6.09 -15.63 33.80
N ALA D 64 -5.91 -15.55 32.47
CA ALA D 64 -4.62 -15.85 31.88
C ALA D 64 -4.17 -14.65 31.06
N ALA D 65 -2.91 -14.27 31.23
CA ALA D 65 -2.34 -13.16 30.48
C ALA D 65 -1.91 -13.65 29.11
N GLY D 66 -2.16 -12.82 28.07
CA GLY D 66 -1.81 -13.20 26.72
C GLY D 66 -0.71 -12.38 26.12
N CYS D 67 -0.91 -11.98 24.86
CA CYS D 67 0.18 -11.46 24.05
C CYS D 67 0.60 -10.08 24.57
N THR D 68 1.92 -9.86 24.71
CA THR D 68 2.39 -8.56 25.17
C THR D 68 2.54 -7.53 24.06
N LYS D 69 2.52 -7.93 22.79
CA LYS D 69 2.72 -7.06 21.65
C LYS D 69 1.76 -7.50 20.55
N PRO D 70 1.27 -6.56 19.73
CA PRO D 70 0.52 -6.92 18.51
C PRO D 70 1.39 -7.79 17.61
N LEU D 71 0.76 -8.41 16.61
CA LEU D 71 1.53 -9.29 15.75
C LEU D 71 2.66 -8.55 15.08
N VAL D 72 2.33 -7.48 14.35
CA VAL D 72 3.30 -6.83 13.47
C VAL D 72 3.53 -5.38 13.87
N ARG D 73 2.47 -4.65 14.22
CA ARG D 73 2.54 -3.22 14.49
C ARG D 73 3.26 -2.92 15.80
N GLY D 74 3.82 -1.71 15.89
CA GLY D 74 4.31 -1.23 17.17
C GLY D 74 3.21 -0.99 18.18
N VAL D 75 3.59 -1.01 19.46
CA VAL D 75 2.61 -0.86 20.54
C VAL D 75 2.02 0.56 20.53
N ARG D 76 0.75 0.65 20.89
CA ARG D 76 -0.01 1.90 20.91
C ARG D 76 -0.33 2.33 22.36
N SER D 79 -2.75 7.19 27.66
CA SER D 79 -4.02 6.47 27.70
C SER D 79 -5.18 7.37 28.13
N GLN D 80 -5.69 8.13 27.15
CA GLN D 80 -6.67 9.19 27.44
C GLN D 80 -8.07 8.69 27.71
N ILE D 81 -8.30 7.39 27.60
CA ILE D 81 -9.62 6.80 27.76
C ILE D 81 -9.79 6.07 29.09
N HIS D 82 -8.84 5.21 29.46
CA HIS D 82 -9.06 4.38 30.62
C HIS D 82 -8.14 4.68 31.79
N GLY D 83 -7.17 5.59 31.61
CA GLY D 83 -6.24 6.08 32.61
C GLY D 83 -4.86 5.43 32.48
N GLU D 84 -3.85 6.09 33.06
CA GLU D 84 -2.52 5.47 33.16
C GLU D 84 -2.59 4.07 33.77
N THR D 85 -3.60 3.81 34.60
CA THR D 85 -3.87 2.51 35.20
C THR D 85 -4.56 1.54 34.24
N GLY D 86 -5.41 2.06 33.34
CA GLY D 86 -6.36 1.28 32.57
C GLY D 86 -7.73 1.17 33.20
N MET D 87 -7.88 1.56 34.48
CA MET D 87 -9.10 1.38 35.25
C MET D 87 -9.38 2.62 36.09
N GLY D 88 -9.27 3.79 35.46
CA GLY D 88 -9.74 5.00 36.12
C GLY D 88 -8.90 5.36 37.34
N ASN D 89 -9.57 5.72 38.41
CA ASN D 89 -8.87 6.23 39.56
C ASN D 89 -9.13 5.34 40.77
N VAL D 90 -9.34 4.04 40.53
CA VAL D 90 -9.73 3.10 41.58
C VAL D 90 -8.51 2.71 42.40
N SER D 91 -8.74 2.42 43.66
CA SER D 91 -7.69 1.89 44.52
C SER D 91 -7.62 0.37 44.36
N TYR D 92 -6.42 -0.13 44.06
CA TYR D 92 -6.12 -1.55 43.99
C TYR D 92 -5.90 -2.12 45.40
N PRO D 93 -6.20 -3.39 45.61
CA PRO D 93 -5.91 -4.01 46.92
C PRO D 93 -4.41 -4.27 47.06
N PRO D 94 -3.90 -4.45 48.29
CA PRO D 94 -2.48 -4.83 48.42
C PRO D 94 -2.18 -6.17 47.74
N GLU D 95 -3.16 -7.05 47.73
CA GLU D 95 -3.10 -8.44 47.28
C GLU D 95 -4.36 -8.76 46.50
N PHE D 96 -4.24 -9.50 45.42
CA PHE D 96 -5.43 -9.99 44.73
C PHE D 96 -5.80 -11.34 45.31
N LYS D 97 -7.12 -11.58 45.43
CA LYS D 97 -7.59 -12.95 45.66
C LYS D 97 -7.45 -13.76 44.37
N THR D 98 -7.70 -13.12 43.23
CA THR D 98 -7.71 -13.83 41.95
C THR D 98 -6.28 -14.09 41.52
N LYS D 99 -5.96 -15.37 41.42
CA LYS D 99 -4.62 -15.75 41.02
C LYS D 99 -4.52 -15.65 39.50
N LEU D 100 -3.31 -15.47 39.02
CA LEU D 100 -3.00 -15.51 37.60
C LEU D 100 -2.71 -16.94 37.17
N ASP D 101 -3.52 -17.47 36.25
CA ASP D 101 -3.24 -18.79 35.69
C ASP D 101 -1.80 -18.81 35.16
N GLY D 102 -1.15 -19.97 35.23
CA GLY D 102 0.21 -20.03 34.71
C GLY D 102 0.30 -20.16 33.19
N ARG D 103 -0.80 -20.44 32.52
CA ARG D 103 -0.75 -20.61 31.07
C ARG D 103 -0.83 -19.26 30.34
N HIS D 104 -0.12 -19.16 29.23
CA HIS D 104 -0.40 -18.07 28.31
C HIS D 104 -1.83 -18.19 27.82
N ALA D 105 -2.50 -17.04 27.74
CA ALA D 105 -3.86 -17.01 27.21
C ALA D 105 -4.00 -17.81 25.91
N VAL D 106 -3.00 -17.75 25.02
CA VAL D 106 -3.17 -18.44 23.74
C VAL D 106 -3.26 -19.95 23.96
N GLN D 107 -2.40 -20.48 24.83
CA GLN D 107 -2.48 -21.90 25.14
C GLN D 107 -3.77 -22.23 25.87
N LEU D 108 -4.24 -21.36 26.76
CA LEU D 108 -5.47 -21.64 27.49
C LEU D 108 -6.65 -21.73 26.53
N ILE D 109 -6.75 -20.78 25.59
CA ILE D 109 -7.83 -20.79 24.61
C ILE D 109 -7.82 -22.10 23.83
N ILE D 110 -6.62 -22.52 23.40
CA ILE D 110 -6.51 -23.77 22.65
C ILE D 110 -6.95 -24.94 23.52
N ASP D 111 -6.38 -25.05 24.72
CA ASP D 111 -6.71 -26.19 25.61
C ASP D 111 -8.21 -26.28 25.83
N LEU D 112 -8.84 -25.15 26.14
CA LEU D 112 -10.27 -25.16 26.40
C LEU D 112 -11.04 -25.61 25.15
N ILE D 113 -10.71 -25.06 23.98
CA ILE D 113 -11.49 -25.43 22.80
C ILE D 113 -11.28 -26.89 22.44
N MET D 114 -10.05 -27.38 22.54
CA MET D 114 -9.79 -28.74 22.10
C MET D 114 -10.33 -29.75 23.10
N SER D 115 -10.44 -29.40 24.39
CA SER D 115 -10.99 -30.37 25.34
C SER D 115 -12.51 -30.37 25.40
N HIS D 116 -13.17 -29.28 25.07
CA HIS D 116 -14.62 -29.32 25.14
C HIS D 116 -15.21 -29.88 23.85
N GLU D 117 -16.49 -30.27 23.93
CA GLU D 117 -17.19 -30.82 22.76
C GLU D 117 -17.26 -29.77 21.66
N PRO D 118 -17.20 -30.19 20.39
CA PRO D 118 -17.30 -29.24 19.27
C PRO D 118 -18.54 -28.37 19.35
N LYS D 119 -18.39 -27.13 18.90
CA LYS D 119 -19.48 -26.16 18.74
C LYS D 119 -20.11 -25.80 20.07
N THR D 120 -19.34 -25.85 21.17
CA THR D 120 -19.91 -25.42 22.45
C THR D 120 -19.34 -24.15 23.03
N ILE D 121 -18.22 -23.66 22.52
CA ILE D 121 -17.62 -22.45 23.04
C ILE D 121 -17.76 -21.30 22.05
N THR D 122 -18.22 -20.14 22.54
CA THR D 122 -18.23 -18.92 21.75
C THR D 122 -17.10 -18.04 22.22
N LEU D 123 -16.25 -17.57 21.28
CA LEU D 123 -15.19 -16.62 21.62
C LEU D 123 -15.76 -15.22 21.60
N VAL D 124 -15.47 -14.43 22.65
CA VAL D 124 -16.03 -13.07 22.72
C VAL D 124 -14.85 -12.13 22.94
N PRO D 125 -14.16 -11.70 21.89
CA PRO D 125 -13.04 -10.77 22.05
C PRO D 125 -13.54 -9.34 22.17
N THR D 126 -12.99 -8.61 23.13
CA THR D 126 -13.36 -7.20 23.29
C THR D 126 -12.11 -6.33 23.38
N GLY D 127 -10.96 -6.84 22.90
CA GLY D 127 -9.71 -6.10 22.76
C GLY D 127 -9.13 -6.30 21.38
N GLY D 128 -7.84 -5.97 21.15
CA GLY D 128 -7.22 -6.35 19.90
C GLY D 128 -7.28 -7.85 19.73
N LEU D 129 -7.22 -8.32 18.49
CA LEU D 129 -7.49 -9.74 18.26
C LEU D 129 -6.24 -10.61 18.31
N THR D 130 -5.11 -10.11 18.83
CA THR D 130 -3.84 -10.80 18.77
C THR D 130 -3.91 -12.24 19.30
N ASN D 131 -4.53 -12.44 20.46
CA ASN D 131 -4.53 -13.78 21.04
C ASN D 131 -5.31 -14.74 20.16
N ILE D 132 -6.42 -14.27 19.62
CA ILE D 132 -7.28 -15.15 18.85
C ILE D 132 -6.55 -15.57 17.60
N ALA D 133 -5.93 -14.60 16.92
CA ALA D 133 -5.18 -14.92 15.71
C ALA D 133 -4.03 -15.89 16.00
N MET D 134 -3.28 -15.66 17.09
CA MET D 134 -2.21 -16.60 17.41
CA MET D 134 -2.21 -16.59 17.47
C MET D 134 -2.76 -17.99 17.68
N ALA D 135 -3.87 -18.09 18.39
CA ALA D 135 -4.43 -19.42 18.64
C ALA D 135 -4.86 -20.09 17.35
N VAL D 136 -5.50 -19.32 16.45
CA VAL D 136 -5.90 -19.87 15.14
C VAL D 136 -4.70 -20.43 14.38
N ARG D 137 -3.59 -19.67 14.34
CA ARG D 137 -2.43 -20.13 13.57
C ARG D 137 -1.67 -21.25 14.27
N LEU D 138 -1.67 -21.29 15.60
CA LEU D 138 -0.92 -22.34 16.28
C LEU D 138 -1.70 -23.66 16.29
N GLU D 139 -3.03 -23.60 16.37
CA GLU D 139 -3.87 -24.80 16.37
C GLU D 139 -5.05 -24.58 15.44
N PRO D 140 -4.85 -24.80 14.13
CA PRO D 140 -5.95 -24.56 13.15
C PRO D 140 -7.22 -25.37 13.44
N ARG D 141 -7.13 -26.48 14.19
CA ARG D 141 -8.34 -27.24 14.48
C ARG D 141 -9.32 -26.46 15.35
N ILE D 142 -8.89 -25.36 16.00
CA ILE D 142 -9.87 -24.66 16.82
C ILE D 142 -10.94 -24.00 15.95
N VAL D 143 -10.66 -23.75 14.66
CA VAL D 143 -11.55 -22.87 13.91
C VAL D 143 -12.90 -23.54 13.71
N ASP D 144 -12.90 -24.80 13.26
CA ASP D 144 -14.15 -25.50 13.07
C ASP D 144 -14.79 -25.96 14.37
N ARG D 145 -14.01 -26.04 15.45
CA ARG D 145 -14.53 -26.52 16.73
C ARG D 145 -15.26 -25.42 17.48
N VAL D 146 -14.88 -24.16 17.26
CA VAL D 146 -15.56 -23.03 17.88
C VAL D 146 -16.98 -22.90 17.34
N LYS D 147 -17.93 -22.59 18.23
CA LYS D 147 -19.30 -22.31 17.81
C LYS D 147 -19.35 -21.08 16.90
N GLU D 148 -18.83 -19.95 17.38
CA GLU D 148 -18.77 -18.71 16.60
C GLU D 148 -17.97 -17.71 17.40
N VAL D 149 -17.69 -16.57 16.77
CA VAL D 149 -16.96 -15.45 17.36
C VAL D 149 -17.87 -14.24 17.37
N VAL D 150 -18.01 -13.59 18.52
CA VAL D 150 -18.81 -12.38 18.64
C VAL D 150 -17.84 -11.37 19.23
N LEU D 151 -17.37 -10.43 18.42
CA LEU D 151 -16.30 -9.56 18.92
C LEU D 151 -16.82 -8.14 19.01
N MET D 152 -16.33 -7.37 19.99
CA MET D 152 -16.62 -5.94 19.96
C MET D 152 -15.43 -5.33 19.24
N GLY D 153 -15.68 -4.67 18.13
CA GLY D 153 -14.57 -4.12 17.37
C GLY D 153 -15.08 -3.70 16.01
N GLY D 154 -14.26 -2.90 15.33
CA GLY D 154 -14.59 -2.45 14.00
C GLY D 154 -15.66 -1.37 14.00
N GLY D 155 -16.04 -0.99 12.79
CA GLY D 155 -17.08 -0.02 12.53
C GLY D 155 -17.26 0.10 11.03
N TYR D 156 -18.42 -0.26 10.50
CA TYR D 156 -18.50 -0.25 9.04
C TYR D 156 -18.61 1.17 8.49
N HIS D 157 -19.20 2.09 9.28
CA HIS D 157 -19.34 3.48 8.86
C HIS D 157 -18.92 4.45 9.96
N THR D 158 -18.10 4.02 10.92
CA THR D 158 -17.71 4.94 12.01
C THR D 158 -16.30 4.56 12.42
N GLY D 159 -15.47 5.55 12.75
CA GLY D 159 -14.15 5.28 13.27
C GLY D 159 -13.95 6.03 14.57
N ASN D 160 -12.96 5.58 15.37
CA ASN D 160 -12.55 6.46 16.46
C ASN D 160 -11.04 6.66 16.45
N ALA D 161 -10.29 5.56 16.36
CA ALA D 161 -8.84 5.63 16.24
C ALA D 161 -8.40 6.38 15.01
N SER D 162 -9.22 6.39 13.97
CA SER D 162 -8.90 7.16 12.77
C SER D 162 -10.26 7.55 12.22
N PRO D 163 -10.34 8.30 11.10
CA PRO D 163 -11.67 8.59 10.54
C PRO D 163 -12.45 7.33 10.22
N VAL D 164 -11.78 6.21 9.99
CA VAL D 164 -12.52 5.04 9.54
C VAL D 164 -12.21 3.79 10.37
N ALA D 165 -11.23 3.84 11.26
CA ALA D 165 -10.83 2.62 11.98
C ALA D 165 -11.24 2.69 13.44
N GLU D 166 -11.60 1.53 14.00
CA GLU D 166 -11.89 1.40 15.42
C GLU D 166 -10.66 0.84 16.15
N PHE D 167 -10.51 1.24 17.44
CA PHE D 167 -9.28 0.99 18.19
CA PHE D 167 -9.28 0.99 18.19
C PHE D 167 -8.88 -0.49 18.20
N ASN D 168 -9.79 -1.38 18.54
CA ASN D 168 -9.41 -2.80 18.69
C ASN D 168 -8.83 -3.38 17.39
N VAL D 169 -9.41 -3.00 16.24
CA VAL D 169 -8.87 -3.48 14.95
C VAL D 169 -7.60 -2.71 14.62
N PHE D 170 -7.61 -1.41 14.89
CA PHE D 170 -6.48 -0.52 14.57
C PHE D 170 -5.19 -0.95 15.28
N VAL D 171 -5.30 -1.41 16.52
CA VAL D 171 -4.08 -1.77 17.23
C VAL D 171 -3.45 -3.06 16.75
N ASP D 172 -4.17 -3.93 16.06
CA ASP D 172 -3.57 -5.12 15.45
C ASP D 172 -4.36 -5.50 14.19
N PRO D 173 -4.14 -4.77 13.08
CA PRO D 173 -4.93 -5.06 11.88
C PRO D 173 -4.69 -6.45 11.36
N GLU D 174 -3.42 -6.90 11.39
CA GLU D 174 -3.09 -8.23 10.90
C GLU D 174 -3.84 -9.30 11.67
N ALA D 175 -3.95 -9.14 13.00
CA ALA D 175 -4.69 -10.15 13.75
C ALA D 175 -6.17 -10.14 13.36
N ALA D 176 -6.73 -8.93 13.18
CA ALA D 176 -8.12 -8.88 12.73
C ALA D 176 -8.28 -9.52 11.37
N HIS D 177 -7.35 -9.25 10.46
CA HIS D 177 -7.43 -9.87 9.14
C HIS D 177 -7.49 -11.38 9.27
N ILE D 178 -6.65 -11.94 10.15
CA ILE D 178 -6.66 -13.39 10.39
C ILE D 178 -8.05 -13.85 10.87
N VAL D 179 -8.58 -13.19 11.90
CA VAL D 179 -9.85 -13.61 12.48
C VAL D 179 -10.99 -13.48 11.46
N PHE D 180 -11.04 -12.40 10.70
CA PHE D 180 -12.15 -12.17 9.80
C PHE D 180 -12.07 -13.01 8.53
N ASN D 181 -10.94 -13.62 8.22
CA ASN D 181 -10.85 -14.43 7.01
C ASN D 181 -10.81 -15.94 7.29
N GLU D 182 -11.01 -16.36 8.53
CA GLU D 182 -11.25 -17.79 8.75
C GLU D 182 -12.73 -18.12 8.46
N SER D 183 -13.02 -19.42 8.32
CA SER D 183 -14.36 -19.78 7.88
C SER D 183 -15.41 -19.75 8.98
N TRP D 184 -15.02 -19.56 10.25
CA TRP D 184 -16.00 -19.56 11.33
C TRP D 184 -16.94 -18.35 11.21
N ASN D 185 -18.11 -18.48 11.86
CA ASN D 185 -19.06 -17.38 11.85
C ASN D 185 -18.56 -16.27 12.76
N VAL D 186 -18.64 -15.04 12.27
CA VAL D 186 -18.18 -13.87 13.01
C VAL D 186 -19.29 -12.85 13.04
N THR D 187 -19.63 -12.38 14.24
CA THR D 187 -20.49 -11.22 14.42
C THR D 187 -19.64 -10.05 14.88
N MET D 188 -19.64 -8.97 14.07
CA MET D 188 -18.90 -7.77 14.39
C MET D 188 -19.84 -6.77 15.05
N VAL D 189 -19.64 -6.55 16.36
CA VAL D 189 -20.43 -5.57 17.13
C VAL D 189 -19.54 -4.33 17.15
N GLY D 190 -19.72 -3.48 16.13
CA GLY D 190 -18.85 -2.35 15.89
C GLY D 190 -19.39 -1.06 16.46
N LEU D 191 -18.64 0.03 16.20
CA LEU D 191 -19.01 1.33 16.74
C LEU D 191 -20.36 1.78 16.23
N ASP D 192 -20.76 1.33 15.03
CA ASP D 192 -22.08 1.74 14.57
C ASP D 192 -23.16 1.25 15.52
N LEU D 193 -22.97 0.06 16.09
CA LEU D 193 -23.84 -0.44 17.15
C LEU D 193 -23.54 0.22 18.49
N THR D 194 -22.28 0.14 18.94
CA THR D 194 -21.98 0.45 20.35
C THR D 194 -22.09 1.93 20.69
N HIS D 195 -22.04 2.84 19.70
CA HIS D 195 -22.31 4.23 20.05
C HIS D 195 -23.72 4.44 20.61
N GLN D 196 -24.61 3.44 20.52
CA GLN D 196 -25.96 3.53 21.05
C GLN D 196 -26.07 3.09 22.50
N ALA D 197 -25.01 2.51 23.07
CA ALA D 197 -25.04 1.94 24.42
C ALA D 197 -24.70 3.01 25.43
N LEU D 198 -25.60 3.99 25.56
CA LEU D 198 -25.31 5.22 26.29
C LEU D 198 -25.60 5.06 27.76
N ALA D 199 -24.61 5.38 28.60
CA ALA D 199 -24.76 5.35 30.05
C ALA D 199 -25.33 6.68 30.53
N THR D 200 -26.60 6.92 30.17
CA THR D 200 -27.32 8.15 30.46
C THR D 200 -27.52 8.35 31.96
N PRO D 201 -27.98 9.54 32.40
CA PRO D 201 -28.15 9.73 33.85
C PRO D 201 -29.16 8.76 34.43
N ALA D 202 -30.25 8.53 33.72
CA ALA D 202 -31.24 7.57 34.19
C ALA D 202 -30.61 6.18 34.38
N VAL D 203 -29.88 5.71 33.37
CA VAL D 203 -29.21 4.43 33.48
C VAL D 203 -28.25 4.43 34.66
N GLN D 204 -27.53 5.53 34.87
CA GLN D 204 -26.58 5.57 35.97
C GLN D 204 -27.28 5.49 37.32
N LYS D 205 -28.44 6.13 37.43
CA LYS D 205 -29.16 6.06 38.70
C LYS D 205 -29.61 4.63 38.97
N ARG D 206 -30.11 3.96 37.94
CA ARG D 206 -30.47 2.54 38.11
C ARG D 206 -29.26 1.72 38.53
N VAL D 207 -28.09 1.98 37.93
CA VAL D 207 -26.88 1.27 38.37
C VAL D 207 -26.67 1.50 39.86
N LYS D 208 -26.89 2.73 40.34
CA LYS D 208 -26.61 3.00 41.75
C LYS D 208 -27.64 2.34 42.67
N GLU D 209 -28.88 2.22 42.22
CA GLU D 209 -29.93 1.66 43.09
C GLU D 209 -29.64 0.20 43.45
N VAL D 210 -28.60 -0.39 42.85
CA VAL D 210 -28.24 -1.76 43.23
C VAL D 210 -27.50 -1.76 44.55
N GLY D 211 -26.76 -0.70 44.86
CA GLY D 211 -26.24 -0.48 46.20
C GLY D 211 -25.22 -1.48 46.64
N THR D 212 -24.45 -2.04 45.71
CA THR D 212 -23.48 -3.07 46.03
C THR D 212 -22.08 -2.60 45.64
N LYS D 213 -21.07 -3.27 46.20
CA LYS D 213 -19.69 -2.90 45.88
C LYS D 213 -19.42 -2.94 44.37
N PRO D 214 -19.84 -3.98 43.59
CA PRO D 214 -19.62 -3.92 42.12
C PRO D 214 -20.37 -2.80 41.42
N ALA D 215 -21.61 -2.50 41.81
CA ALA D 215 -22.28 -1.39 41.18
C ALA D 215 -21.55 -0.09 41.47
N ALA D 216 -21.07 0.07 42.69
CA ALA D 216 -20.31 1.27 43.06
C ALA D 216 -19.01 1.36 42.25
N PHE D 217 -18.25 0.26 42.21
CA PHE D 217 -17.04 0.19 41.38
C PHE D 217 -17.34 0.59 39.95
N MET D 218 -18.44 0.05 39.41
CA MET D 218 -18.79 0.32 38.05
C MET D 218 -19.10 1.80 37.84
N LEU D 219 -19.88 2.41 38.72
CA LEU D 219 -20.17 3.81 38.46
C LEU D 219 -18.98 4.72 38.72
N GLN D 220 -18.10 4.37 39.66
CA GLN D 220 -16.86 5.12 39.82
C GLN D 220 -16.00 5.11 38.55
N ILE D 221 -15.66 3.91 38.06
CA ILE D 221 -14.92 3.85 36.80
C ILE D 221 -15.72 4.49 35.67
N LEU D 222 -17.03 4.41 35.73
CA LEU D 222 -17.87 4.91 34.65
C LEU D 222 -17.98 6.42 34.62
N ASP D 223 -17.79 7.13 35.73
CA ASP D 223 -17.80 8.57 35.50
C ASP D 223 -16.40 9.15 35.38
N PHE D 224 -15.37 8.41 35.78
CA PHE D 224 -14.08 8.69 35.15
C PHE D 224 -14.21 8.57 33.61
N TYR D 225 -14.88 7.50 33.16
CA TYR D 225 -15.21 7.28 31.74
C TYR D 225 -16.12 8.38 31.19
N THR D 226 -17.14 8.77 31.95
CA THR D 226 -18.07 9.80 31.51
C THR D 226 -17.35 11.11 31.29
N LYS D 227 -16.45 11.50 32.20
CA LYS D 227 -15.68 12.73 31.99
C LYS D 227 -14.67 12.59 30.84
N VAL D 228 -14.21 11.36 30.55
CA VAL D 228 -13.44 11.13 29.31
C VAL D 228 -14.29 11.42 28.07
N TYR D 229 -15.52 10.87 28.02
CA TYR D 229 -16.37 10.95 26.83
C TYR D 229 -17.04 12.31 26.66
N GLU D 230 -17.33 13.01 27.75
CA GLU D 230 -17.66 14.44 27.71
C GLU D 230 -16.59 15.26 27.00
N LYS D 231 -15.32 15.04 27.37
CA LYS D 231 -14.21 15.79 26.77
C LYS D 231 -13.47 14.95 25.72
N ASN D 234 -17.95 14.36 23.17
CA ASN D 234 -19.09 15.22 23.53
C ASN D 234 -20.41 14.44 23.64
N THR D 235 -20.33 13.20 24.13
CA THR D 235 -21.51 12.41 24.44
C THR D 235 -21.38 11.82 25.83
N TYR D 236 -22.43 11.12 26.25
CA TYR D 236 -22.34 10.29 27.45
C TYR D 236 -21.37 9.13 27.19
N ALA D 237 -20.90 8.52 28.27
CA ALA D 237 -20.07 7.35 28.10
C ALA D 237 -20.87 6.27 27.36
N THR D 238 -20.32 5.77 26.27
CA THR D 238 -20.87 4.61 25.59
C THR D 238 -20.12 3.41 26.12
N VAL D 239 -20.82 2.36 26.55
CA VAL D 239 -20.15 1.20 27.13
C VAL D 239 -20.13 0.09 26.07
N HIS D 240 -19.04 0.00 25.31
CA HIS D 240 -19.03 -0.80 24.08
C HIS D 240 -19.03 -2.30 24.38
N ASP D 241 -17.99 -2.77 25.07
CA ASP D 241 -17.67 -4.19 25.09
C ASP D 241 -18.81 -5.08 25.59
N PRO D 242 -19.60 -4.71 26.60
CA PRO D 242 -20.70 -5.61 27.04
C PRO D 242 -21.73 -5.88 25.96
N CYS D 243 -21.84 -5.00 24.97
CA CYS D 243 -22.71 -5.25 23.84
C CYS D 243 -22.43 -6.61 23.22
N ALA D 244 -21.15 -7.01 23.17
CA ALA D 244 -20.84 -8.31 22.54
C ALA D 244 -21.33 -9.45 23.41
N VAL D 245 -21.11 -9.33 24.72
CA VAL D 245 -21.64 -10.34 25.63
C VAL D 245 -23.15 -10.38 25.53
N ALA D 246 -23.80 -9.21 25.43
CA ALA D 246 -25.25 -9.16 25.41
C ALA D 246 -25.79 -9.96 24.23
N TYR D 247 -25.09 -9.88 23.07
CA TYR D 247 -25.56 -10.57 21.88
C TYR D 247 -25.53 -12.09 22.12
N VAL D 248 -24.54 -12.57 22.85
CA VAL D 248 -24.49 -13.99 23.14
C VAL D 248 -25.63 -14.37 24.09
N ILE D 249 -25.96 -13.47 25.03
CA ILE D 249 -27.07 -13.73 25.96
C ILE D 249 -28.38 -13.83 25.21
N ASP D 250 -28.65 -12.85 24.33
CA ASP D 250 -29.95 -12.73 23.65
C ASP D 250 -29.73 -12.01 22.33
N PRO D 251 -29.66 -12.73 21.22
CA PRO D 251 -29.37 -12.07 19.94
C PRO D 251 -30.42 -11.08 19.54
N THR D 252 -31.62 -11.12 20.12
CA THR D 252 -32.59 -10.10 19.75
C THR D 252 -32.28 -8.76 20.39
N VAL D 253 -31.25 -8.65 21.21
CA VAL D 253 -30.85 -7.36 21.73
C VAL D 253 -30.33 -6.42 20.63
N MET D 254 -30.00 -6.95 19.45
CA MET D 254 -29.57 -6.07 18.37
C MET D 254 -29.90 -6.69 17.01
N THR D 255 -30.14 -5.83 16.02
CA THR D 255 -30.26 -6.34 14.67
C THR D 255 -28.88 -6.50 14.06
N THR D 256 -28.81 -7.35 13.03
CA THR D 256 -27.58 -7.61 12.32
C THR D 256 -27.88 -7.66 10.84
N GLU D 257 -26.83 -7.55 10.04
CA GLU D 257 -26.90 -7.70 8.60
C GLU D 257 -25.75 -8.56 8.13
N GLN D 258 -26.06 -9.55 7.32
CA GLN D 258 -25.07 -10.45 6.75
C GLN D 258 -24.39 -9.79 5.55
N VAL D 259 -23.11 -9.39 5.71
CA VAL D 259 -22.36 -8.77 4.61
C VAL D 259 -20.90 -9.22 4.68
N PRO D 260 -20.19 -9.21 3.53
CA PRO D 260 -18.75 -9.47 3.59
C PRO D 260 -18.05 -8.36 4.38
N VAL D 261 -17.10 -8.75 5.22
CA VAL D 261 -16.29 -7.80 5.97
C VAL D 261 -14.84 -8.28 5.85
N ASP D 262 -13.96 -7.36 5.45
CA ASP D 262 -12.52 -7.64 5.34
C ASP D 262 -11.78 -6.50 6.04
N ILE D 263 -10.47 -6.66 6.24
CA ILE D 263 -9.68 -5.72 7.04
C ILE D 263 -8.62 -5.09 6.14
N GLU D 264 -8.56 -3.76 6.12
CA GLU D 264 -7.56 -3.06 5.32
C GLU D 264 -6.21 -3.04 6.05
N LEU D 265 -5.16 -3.49 5.38
CA LEU D 265 -3.84 -3.56 6.00
C LEU D 265 -2.84 -2.56 5.47
N ASN D 266 -3.07 -2.00 4.30
CA ASN D 266 -2.02 -1.30 3.55
C ASN D 266 -2.21 0.20 3.43
N GLY D 267 -3.43 0.71 3.55
CA GLY D 267 -3.71 2.04 3.04
C GLY D 267 -3.16 3.14 3.93
N ALA D 268 -2.77 4.26 3.32
CA ALA D 268 -2.24 5.35 4.13
C ALA D 268 -3.30 5.96 5.02
N LEU D 269 -4.54 6.05 4.52
CA LEU D 269 -5.61 6.70 5.29
C LEU D 269 -6.53 5.73 5.99
N THR D 270 -6.50 4.46 5.61
CA THR D 270 -7.55 3.51 5.97
C THR D 270 -7.05 2.22 6.62
N THR D 271 -5.77 2.11 6.97
CA THR D 271 -5.35 0.87 7.63
C THR D 271 -6.15 0.68 8.91
N GLY D 272 -6.59 -0.55 9.16
CA GLY D 272 -7.41 -0.81 10.31
C GLY D 272 -8.90 -0.74 10.05
N MET D 273 -9.33 -0.31 8.86
CA MET D 273 -10.76 -0.27 8.54
C MET D 273 -11.37 -1.67 8.37
N THR D 274 -12.57 -1.86 8.93
CA THR D 274 -13.40 -3.03 8.64
C THR D 274 -14.27 -2.63 7.45
N VAL D 275 -13.89 -3.13 6.28
CA VAL D 275 -14.54 -2.79 5.02
C VAL D 275 -15.70 -3.74 4.87
N ALA D 276 -16.90 -3.20 4.97
CA ALA D 276 -18.11 -4.00 4.84
C ALA D 276 -18.75 -3.70 3.49
N ASP D 277 -19.15 -4.76 2.78
CA ASP D 277 -19.69 -4.62 1.43
C ASP D 277 -21.23 -4.66 1.50
N PHE D 278 -21.85 -3.50 1.45
CA PHE D 278 -23.30 -3.41 1.44
C PHE D 278 -23.88 -3.35 0.04
N ARG D 279 -23.07 -3.58 -1.00
CA ARG D 279 -23.62 -3.51 -2.36
C ARG D 279 -24.55 -4.70 -2.63
N TYR D 280 -25.37 -4.57 -3.70
CA TYR D 280 -26.24 -5.68 -4.10
C TYR D 280 -25.64 -6.46 -5.25
N PRO D 281 -25.90 -7.79 -5.36
CA PRO D 281 -26.75 -8.50 -4.38
C PRO D 281 -26.06 -8.84 -3.03
N ARG D 282 -26.79 -8.72 -1.93
CA ARG D 282 -26.27 -9.19 -0.66
C ARG D 282 -26.05 -10.71 -0.71
N PRO D 283 -25.00 -11.22 -0.09
CA PRO D 283 -24.73 -12.67 -0.13
C PRO D 283 -25.76 -13.41 0.70
N LYS D 284 -26.31 -14.50 0.14
CA LYS D 284 -27.29 -15.26 0.87
C LYS D 284 -26.64 -16.15 1.92
N HIS D 285 -25.38 -16.50 1.70
CA HIS D 285 -24.57 -17.21 2.68
C HIS D 285 -23.31 -16.42 2.89
N CYS D 286 -23.09 -16.00 4.14
CA CYS D 286 -21.90 -15.20 4.44
C CYS D 286 -21.52 -15.46 5.89
N HIS D 287 -20.26 -15.78 6.12
CA HIS D 287 -19.88 -16.14 7.48
C HIS D 287 -19.73 -14.94 8.41
N THR D 288 -19.79 -13.70 7.89
CA THR D 288 -19.68 -12.49 8.69
C THR D 288 -21.00 -11.73 8.68
N GLN D 289 -21.34 -11.14 9.83
CA GLN D 289 -22.47 -10.23 9.93
C GLN D 289 -22.06 -9.08 10.83
N VAL D 290 -22.72 -7.94 10.66
CA VAL D 290 -22.44 -6.73 11.43
C VAL D 290 -23.67 -6.36 12.22
N ALA D 291 -23.46 -5.88 13.45
CA ALA D 291 -24.56 -5.39 14.27
C ALA D 291 -24.96 -3.97 13.87
N VAL D 292 -26.28 -3.68 13.92
CA VAL D 292 -26.80 -2.42 13.38
C VAL D 292 -27.52 -1.59 14.44
N LYS D 293 -28.69 -2.04 14.90
CA LYS D 293 -29.52 -1.28 15.84
C LYS D 293 -29.59 -1.98 17.20
N LEU D 294 -29.30 -1.25 18.27
CA LEU D 294 -29.41 -1.81 19.60
C LEU D 294 -30.83 -1.69 20.12
N ASP D 295 -31.28 -2.72 20.84
CA ASP D 295 -32.44 -2.60 21.73
C ASP D 295 -31.93 -2.04 23.07
N PHE D 296 -32.04 -0.73 23.23
CA PHE D 296 -31.43 -0.03 24.35
C PHE D 296 -31.98 -0.52 25.68
N ASP D 297 -33.30 -0.61 25.78
CA ASP D 297 -33.93 -0.99 27.05
C ASP D 297 -33.53 -2.41 27.44
N LYS D 298 -33.62 -3.35 26.50
CA LYS D 298 -33.23 -4.72 26.83
C LYS D 298 -31.77 -4.78 27.23
N PHE D 299 -30.90 -4.02 26.55
CA PHE D 299 -29.48 -4.07 26.88
C PHE D 299 -29.23 -3.61 28.32
N TRP D 300 -29.78 -2.45 28.67
CA TRP D 300 -29.49 -1.97 30.01
C TRP D 300 -30.17 -2.83 31.06
N CYS D 301 -31.32 -3.43 30.75
CA CYS D 301 -31.94 -4.37 31.67
CA CYS D 301 -31.94 -4.39 31.65
C CYS D 301 -31.00 -5.55 31.94
N LEU D 302 -30.35 -6.08 30.90
CA LEU D 302 -29.40 -7.18 31.12
C LEU D 302 -28.26 -6.75 32.02
N VAL D 303 -27.71 -5.55 31.81
CA VAL D 303 -26.58 -5.12 32.64
C VAL D 303 -27.00 -4.96 34.11
N ILE D 304 -28.15 -4.31 34.34
CA ILE D 304 -28.57 -4.10 35.73
C ILE D 304 -28.94 -5.43 36.40
N ASP D 305 -29.64 -6.32 35.68
CA ASP D 305 -29.95 -7.65 36.22
C ASP D 305 -28.67 -8.39 36.63
N ALA D 306 -27.61 -8.34 35.79
CA ALA D 306 -26.36 -9.00 36.17
C ALA D 306 -25.77 -8.39 37.45
N LEU D 307 -25.81 -7.06 37.57
CA LEU D 307 -25.30 -6.47 38.81
C LEU D 307 -26.09 -6.96 40.02
N LYS D 308 -27.44 -6.99 39.91
CA LYS D 308 -28.22 -7.50 41.04
C LYS D 308 -27.84 -8.92 41.38
N ARG D 309 -27.71 -9.78 40.36
CA ARG D 309 -27.41 -11.18 40.64
C ARG D 309 -26.07 -11.33 41.35
N ILE D 310 -25.10 -10.48 41.00
CA ILE D 310 -23.78 -10.61 41.60
C ILE D 310 -23.87 -10.28 43.09
N GLY D 311 -24.69 -9.30 43.45
CA GLY D 311 -24.85 -8.97 44.86
C GLY D 311 -23.57 -8.38 45.39
N ASP D 312 -23.23 -8.77 46.63
CA ASP D 312 -22.05 -8.27 47.33
C ASP D 312 -21.20 -9.46 47.75
N PRO D 313 -20.28 -9.92 46.88
CA PRO D 313 -19.47 -11.10 47.18
C PRO D 313 -18.50 -10.83 48.32
C1 GOL E . -22.01 6.94 -10.42
O1 GOL E . -20.78 6.36 -10.05
C2 GOL E . -21.99 7.71 -11.72
O2 GOL E . -22.24 6.87 -12.83
C3 GOL E . -20.80 8.61 -11.97
O3 GOL E . -21.09 9.62 -12.93
O1 MES F . -25.03 30.60 -27.68
C2 MES F . -24.32 30.51 -26.46
C3 MES F . -24.74 29.28 -25.70
N4 MES F . -26.20 29.28 -25.45
C5 MES F . -26.93 29.53 -26.72
C6 MES F . -26.39 30.75 -27.40
C7 MES F . -26.65 28.01 -24.82
C8 MES F . -26.29 27.95 -23.37
S MES F . -27.22 26.69 -22.54
O1S MES F . -28.55 27.01 -22.75
O2S MES F . -26.85 25.48 -23.10
O3S MES F . -26.85 26.82 -21.21
CA CA G . -20.82 10.21 -15.43
C1 PEG H . -9.40 -1.12 -3.74
O1 PEG H . -8.08 -1.08 -3.38
C2 PEG H . -9.65 -1.98 -4.91
O2 PEG H . -11.00 -2.40 -4.86
C3 PEG H . -11.29 -3.59 -5.58
C4 PEG H . -11.02 -4.80 -4.72
O4 PEG H . -11.92 -5.01 -3.63
C1 GOL I . 19.71 13.73 -10.48
O1 GOL I . 19.48 14.95 -11.16
C2 GOL I . 20.22 13.90 -9.06
O2 GOL I . 21.19 14.93 -8.98
C3 GOL I . 20.78 12.63 -8.47
O3 GOL I . 19.83 11.93 -7.69
CA CA J . 18.96 17.27 -11.90
CL CL K . 23.90 -5.98 -13.39
CL CL L . 18.36 11.46 -34.74
C1 PEG M . 16.50 39.57 -18.18
O1 PEG M . 15.90 38.94 -19.26
C2 PEG M . 15.54 39.77 -17.05
O2 PEG M . 15.83 38.95 -15.93
C3 PEG M . 14.69 38.88 -15.09
C4 PEG M . 14.95 38.09 -13.91
O4 PEG M . 15.66 38.81 -12.95
C1 GOL N . 15.79 -19.85 -2.07
O1 GOL N . 14.64 -19.05 -2.28
C2 GOL N . 15.51 -21.10 -1.27
O2 GOL N . 14.58 -21.94 -1.93
C3 GOL N . 15.07 -20.86 0.15
O3 GOL N . 15.21 -22.06 0.91
CA CA O . 14.12 -24.00 2.08
CA CA P . 23.65 -34.10 14.95
C1 GOL Q . -13.71 0.86 21.50
O1 GOL Q . -13.08 1.21 20.29
C2 GOL Q . -12.93 -0.21 22.23
O2 GOL Q . -12.01 0.37 23.14
C3 GOL Q . -13.77 -1.24 22.92
O3 GOL Q . -13.02 -2.39 23.22
O1 MES R . -24.18 -13.91 10.18
C2 MES R . -23.11 -14.70 10.66
C3 MES R . -22.84 -15.84 9.74
N4 MES R . -24.08 -16.66 9.70
C5 MES R . -25.20 -15.86 9.15
C6 MES R . -25.38 -14.63 9.98
C7 MES R . -23.89 -17.94 8.94
C8 MES R . -25.17 -18.44 8.33
S MES R . -25.11 -18.41 6.57
O1S MES R . -26.41 -18.81 6.16
O2S MES R . -24.84 -17.07 6.21
O3S MES R . -24.10 -19.31 6.19
O1 MES S . -17.10 -23.13 37.99
C2 MES S . -18.44 -23.46 37.68
C3 MES S . -19.06 -22.54 36.65
N4 MES S . -18.92 -21.12 37.10
C5 MES S . -17.49 -20.85 37.38
C6 MES S . -17.01 -21.80 38.45
C7 MES S . -19.49 -20.16 36.10
C8 MES S . -18.61 -18.97 35.91
S MES S . -19.50 -17.46 35.71
O1S MES S . -18.55 -16.45 35.90
O2S MES S . -20.08 -17.52 34.41
O3S MES S . -20.50 -17.46 36.71
CA CA T . -11.86 -3.38 25.35
#